data_7E46
#
_entry.id   7E46
#
_cell.length_a   58.855
_cell.length_b   128.428
_cell.length_c   148.810
_cell.angle_alpha   90.000
_cell.angle_beta   90.000
_cell.angle_gamma   90.000
#
_symmetry.space_group_name_H-M   'P 21 21 21'
#
loop_
_entity.id
_entity.type
_entity.pdbx_description
1 polymer 'Bifunctional cytochrome P450/NADPH--P450 reductase'
2 non-polymer 'PROTOPORPHYRIN IX CONTAINING FE'
3 non-polymer '(2S)-3-phenyl-2-[[(2S)-1-phenylmethoxycarbonylpyrrolidin-2-yl]carbonylamino]propanoic acid'
4 non-polymer (1S)-1-phenylethanamine
5 non-polymer GLYCEROL
6 water water
#
_entity_poly.entity_id   1
_entity_poly.type   'polypeptide(L)'
_entity_poly.pdbx_seq_one_letter_code
;MTIKEMPQPKTFGELKNLPLLNTDKPVQALMKIADELGEIFKFEAPGRVTRYLSSQRLIKEACDESRFDKNLSQALKFVR
DFAGDGLFTSWTHEKNWKKAHNILLPSFSQQAMKGYHAMMVDIAVQLVQKWERLNADEHIEVPEDMTRLTLDTIGLCGFN
YRFNSFYRDQPHPFITSMVRALDEAMNKLQRANPDDPAYDENKRQFQEDIKVMNDLVDKIIADRKASGEQSDDLLTHMLN
GKDPETGEPLDDENIRYQIITFLIAGHETTSGLLSFALYFLVKNPHVLQKAAEEAARVLVDPVPSYKQVKQLKYVGMVLN
EALRLWPTAPAFSLYAKEDTVLGGEYPLEKGDELMVLIPQLHRDKTIWGDDVEEFRPERFENPSAIPQHAFKPFGNGQRA
CIGQQFALHEATLVLGMMLKHFDFEDHTNYELDIKETLTLKPEGFVVKAKSKKIPL
;
_entity_poly.pdbx_strand_id   A,B
#
loop_
_chem_comp.id
_chem_comp.type
_chem_comp.name
_chem_comp.formula
98B non-polymer (1S)-1-phenylethanamine 'C8 H11 N'
GOL non-polymer GLYCEROL 'C3 H8 O3'
HEM non-polymer 'PROTOPORPHYRIN IX CONTAINING FE' 'C34 H32 Fe N4 O4'
ZP6 non-polymer '(2S)-3-phenyl-2-[[(2S)-1-phenylmethoxycarbonylpyrrolidin-2-yl]carbonylamino]propanoic acid' 'C22 H24 N2 O5'
#
# COMPACT_ATOMS: atom_id res chain seq x y z
N ILE A 3 52.70 30.52 5.35
CA ILE A 3 51.66 30.90 6.37
C ILE A 3 50.86 32.11 5.86
N LYS A 4 49.54 31.96 5.72
CA LYS A 4 48.65 32.96 5.07
C LYS A 4 47.25 32.90 5.70
N GLU A 5 46.49 33.99 5.53
CA GLU A 5 45.13 34.18 6.07
C GLU A 5 44.09 33.56 5.13
N MET A 6 43.02 33.08 5.76
CA MET A 6 41.92 32.33 5.13
C MET A 6 40.89 33.28 4.56
N PRO A 7 40.29 32.99 3.39
CA PRO A 7 39.12 33.75 2.96
C PRO A 7 37.93 33.35 3.83
N GLN A 8 36.93 34.23 3.88
CA GLN A 8 35.70 34.09 4.70
C GLN A 8 34.57 34.66 3.85
N PRO A 9 33.37 34.02 3.79
CA PRO A 9 32.23 34.59 3.10
C PRO A 9 31.64 35.79 3.85
N LYS A 10 30.65 36.41 3.24
CA LYS A 10 30.11 37.73 3.68
C LYS A 10 29.49 37.57 5.07
N THR A 11 29.46 38.65 5.85
CA THR A 11 29.08 38.63 7.28
C THR A 11 27.86 39.52 7.52
N PHE A 12 27.20 39.27 8.65
CA PHE A 12 25.91 39.88 9.07
C PHE A 12 26.10 40.48 10.47
N GLY A 13 27.09 41.38 10.62
CA GLY A 13 27.46 41.95 11.93
C GLY A 13 27.76 40.85 12.94
N GLU A 14 27.12 40.93 14.11
CA GLU A 14 27.39 40.05 15.29
C GLU A 14 26.88 38.61 15.02
N LEU A 15 26.08 38.38 13.99
CA LEU A 15 25.65 36.99 13.63
C LEU A 15 26.76 36.32 12.82
N LYS A 16 27.77 37.07 12.40
CA LYS A 16 28.93 36.57 11.62
C LYS A 16 28.40 35.90 10.33
N ASN A 17 28.77 34.65 10.03
CA ASN A 17 28.33 33.91 8.82
C ASN A 17 27.01 33.15 9.04
N LEU A 18 26.45 33.12 10.26
CA LEU A 18 25.31 32.22 10.58
C LEU A 18 24.14 32.38 9.61
N PRO A 19 23.66 33.60 9.26
CA PRO A 19 22.53 33.71 8.35
C PRO A 19 22.74 33.10 6.96
N LEU A 20 23.97 32.78 6.56
CA LEU A 20 24.26 32.03 5.30
C LEU A 20 23.60 30.63 5.34
N LEU A 21 23.29 30.10 6.53
CA LEU A 21 22.61 28.78 6.74
C LEU A 21 21.09 28.94 6.87
N ASN A 22 20.56 30.17 6.85
CA ASN A 22 19.10 30.45 6.79
C ASN A 22 18.57 30.13 5.39
N THR A 23 18.62 28.85 4.98
CA THR A 23 18.28 28.36 3.63
C THR A 23 17.91 26.90 3.78
N ASP A 24 16.95 26.38 3.02
CA ASP A 24 16.60 24.94 3.13
C ASP A 24 17.65 24.13 2.37
N LYS A 25 18.69 24.78 1.79
CA LYS A 25 19.75 24.07 1.01
C LYS A 25 21.14 24.55 1.45
N PRO A 26 21.54 24.30 2.71
CA PRO A 26 22.81 24.82 3.20
C PRO A 26 24.05 24.24 2.49
N VAL A 27 24.05 22.95 2.15
CA VAL A 27 25.22 22.30 1.53
C VAL A 27 25.49 22.94 0.16
N GLN A 28 24.45 23.04 -0.65
CA GLN A 28 24.46 23.73 -1.98
C GLN A 28 24.99 25.18 -1.84
N ALA A 29 24.54 25.91 -0.81
CA ALA A 29 25.04 27.30 -0.58
C ALA A 29 26.53 27.27 -0.22
N LEU A 30 26.97 26.25 0.52
CA LEU A 30 28.40 26.10 0.94
C LEU A 30 29.24 25.71 -0.26
N MET A 31 28.68 24.88 -1.14
CA MET A 31 29.28 24.54 -2.45
C MET A 31 29.50 25.79 -3.28
N LYS A 32 28.50 26.68 -3.38
CA LYS A 32 28.69 27.92 -4.19
C LYS A 32 29.75 28.81 -3.52
N ILE A 33 29.79 28.90 -2.18
CA ILE A 33 30.85 29.65 -1.44
C ILE A 33 32.24 29.06 -1.73
N ALA A 34 32.41 27.74 -1.65
CA ALA A 34 33.70 27.09 -2.00
C ALA A 34 34.10 27.44 -3.45
N ASP A 35 33.15 27.47 -4.38
CA ASP A 35 33.43 27.83 -5.79
C ASP A 35 33.99 29.26 -5.90
N GLU A 36 33.47 30.18 -5.07
CA GLU A 36 33.88 31.59 -4.99
C GLU A 36 35.25 31.71 -4.33
N LEU A 37 35.49 31.05 -3.19
CA LEU A 37 36.63 31.34 -2.26
C LEU A 37 37.77 30.33 -2.40
N GLY A 38 37.48 29.10 -2.80
CA GLY A 38 38.51 28.11 -3.16
C GLY A 38 38.58 26.96 -2.17
N GLU A 39 39.77 26.39 -2.00
CA GLU A 39 39.99 25.10 -1.30
C GLU A 39 39.78 25.22 0.23
N ILE A 40 39.74 26.42 0.81
CA ILE A 40 39.56 26.58 2.26
C ILE A 40 38.93 27.94 2.55
N PHE A 41 37.87 27.95 3.36
CA PHE A 41 37.30 29.20 3.92
C PHE A 41 36.96 29.04 5.41
N LYS A 42 37.07 30.16 6.14
CA LYS A 42 36.67 30.32 7.55
C LYS A 42 35.17 30.55 7.61
N PHE A 43 34.50 29.93 8.57
CA PHE A 43 33.04 30.10 8.80
C PHE A 43 32.80 30.28 10.30
N GLU A 44 32.27 31.45 10.66
CA GLU A 44 32.04 31.85 12.06
C GLU A 44 30.56 32.02 12.32
N ALA A 45 30.12 31.54 13.48
CA ALA A 45 28.80 31.83 14.09
C ALA A 45 29.08 32.33 15.51
N PRO A 46 28.10 32.87 16.27
CA PRO A 46 28.43 33.39 17.60
C PRO A 46 28.98 32.21 18.42
N GLY A 47 30.21 32.30 18.91
CA GLY A 47 30.79 31.29 19.82
C GLY A 47 31.22 30.02 19.08
N ARG A 48 31.59 30.11 17.81
CA ARG A 48 31.90 28.93 16.96
C ARG A 48 32.77 29.39 15.78
N VAL A 49 33.79 28.60 15.43
N VAL A 49 33.80 28.60 15.49
CA VAL A 49 34.63 28.82 14.23
CA VAL A 49 34.68 28.72 14.30
C VAL A 49 35.00 27.45 13.61
C VAL A 49 34.76 27.33 13.66
N THR A 50 34.67 27.25 12.34
CA THR A 50 35.07 26.02 11.58
C THR A 50 35.76 26.48 10.29
N ARG A 51 36.32 25.53 9.57
CA ARG A 51 36.97 25.79 8.27
C ARG A 51 36.56 24.68 7.32
N TYR A 52 35.96 25.06 6.17
CA TYR A 52 35.46 24.18 5.11
C TYR A 52 36.62 23.89 4.16
N LEU A 53 36.87 22.59 3.97
CA LEU A 53 37.91 22.09 3.05
C LEU A 53 37.26 21.54 1.76
N SER A 54 37.85 21.83 0.60
CA SER A 54 37.28 21.48 -0.73
C SER A 54 38.32 20.80 -1.64
N SER A 55 39.63 20.94 -1.39
CA SER A 55 40.71 20.39 -2.24
C SER A 55 41.16 19.04 -1.69
N GLN A 56 41.57 18.12 -2.59
CA GLN A 56 42.19 16.84 -2.21
C GLN A 56 43.51 17.12 -1.49
N ARG A 57 44.22 18.19 -1.85
CA ARG A 57 45.53 18.56 -1.25
C ARG A 57 45.38 18.71 0.28
N LEU A 58 44.33 19.40 0.75
CA LEU A 58 44.12 19.68 2.20
C LEU A 58 43.35 18.52 2.87
N ILE A 59 42.39 17.92 2.17
CA ILE A 59 41.53 16.84 2.73
C ILE A 59 42.38 15.58 2.96
N LYS A 60 43.40 15.34 2.16
CA LYS A 60 44.30 14.18 2.42
C LYS A 60 45.01 14.40 3.78
N GLU A 61 45.26 15.64 4.19
CA GLU A 61 45.91 15.89 5.51
C GLU A 61 44.87 15.70 6.62
N ALA A 62 43.67 16.26 6.46
CA ALA A 62 42.58 16.16 7.46
C ALA A 62 42.33 14.69 7.77
N CYS A 63 42.49 13.83 6.75
CA CYS A 63 42.20 12.37 6.84
C CYS A 63 43.35 11.63 7.51
N ASP A 64 44.40 12.31 7.94
CA ASP A 64 45.51 11.70 8.72
C ASP A 64 45.04 11.51 10.17
N GLU A 65 44.72 10.27 10.54
CA GLU A 65 44.10 9.92 11.86
C GLU A 65 45.04 10.18 13.03
N SER A 66 46.36 10.28 12.79
CA SER A 66 47.35 10.66 13.84
C SER A 66 47.18 12.15 14.16
N ARG A 67 46.47 12.90 13.32
CA ARG A 67 46.44 14.40 13.43
C ARG A 67 45.02 14.89 13.74
N PHE A 68 44.02 14.23 13.19
CA PHE A 68 42.61 14.65 13.27
C PHE A 68 41.74 13.44 13.59
N ASP A 69 40.73 13.65 14.41
CA ASP A 69 39.71 12.65 14.77
C ASP A 69 38.34 13.20 14.40
N LYS A 70 37.31 12.35 14.41
CA LYS A 70 35.91 12.75 14.18
C LYS A 70 35.47 13.72 15.29
N ASN A 71 34.92 14.83 14.83
CA ASN A 71 34.22 15.84 15.66
C ASN A 71 32.71 15.66 15.44
N LEU A 72 31.89 15.88 16.47
CA LEU A 72 30.44 16.02 16.26
C LEU A 72 30.18 17.47 15.89
N SER A 73 29.75 17.71 14.64
CA SER A 73 29.26 19.03 14.16
C SER A 73 28.01 19.42 14.96
N GLN A 74 27.54 20.66 14.82
CA GLN A 74 26.28 21.06 15.50
C GLN A 74 25.12 20.15 15.05
N ALA A 75 25.05 19.77 13.77
CA ALA A 75 24.02 18.82 13.27
C ALA A 75 24.11 17.47 14.02
N LEU A 76 25.31 16.91 14.18
CA LEU A 76 25.50 15.63 14.92
C LEU A 76 25.12 15.78 16.41
N LYS A 77 25.41 16.92 17.04
CA LYS A 77 25.07 17.10 18.48
C LYS A 77 23.55 17.09 18.65
N PHE A 78 22.80 17.67 17.70
CA PHE A 78 21.32 17.73 17.71
C PHE A 78 20.72 16.33 17.39
N VAL A 79 21.31 15.59 16.46
CA VAL A 79 20.90 14.18 16.16
C VAL A 79 21.17 13.29 17.39
N ARG A 80 22.26 13.49 18.14
CA ARG A 80 22.57 12.74 19.40
C ARG A 80 21.42 12.82 20.42
N ASP A 81 20.63 13.89 20.44
CA ASP A 81 19.48 13.97 21.38
C ASP A 81 18.53 12.79 21.18
N PHE A 82 18.58 12.05 20.06
CA PHE A 82 17.72 10.86 19.88
C PHE A 82 18.54 9.66 19.39
N ALA A 83 19.76 9.84 18.89
CA ALA A 83 20.64 8.72 18.46
C ALA A 83 21.66 8.37 19.56
N GLY A 84 21.77 9.22 20.58
CA GLY A 84 22.61 8.95 21.77
C GLY A 84 24.06 8.65 21.44
N ASP A 85 24.61 7.59 22.07
CA ASP A 85 26.01 7.15 21.86
C ASP A 85 26.01 5.92 20.95
N GLY A 86 25.05 5.88 20.01
CA GLY A 86 25.19 5.00 18.84
C GLY A 86 26.47 5.30 18.06
N LEU A 87 26.86 4.42 17.12
CA LEU A 87 28.11 4.55 16.35
C LEU A 87 28.23 5.93 15.69
N PHE A 88 27.16 6.49 15.10
CA PHE A 88 27.26 7.68 14.20
C PHE A 88 27.44 8.95 15.05
N THR A 89 26.89 8.98 16.27
CA THR A 89 26.82 10.19 17.15
C THR A 89 27.68 10.06 18.44
N SER A 90 28.54 9.06 18.52
CA SER A 90 29.49 8.87 19.63
C SER A 90 30.86 9.47 19.26
N TRP A 91 31.60 9.94 20.26
CA TRP A 91 33.03 10.34 20.11
C TRP A 91 33.90 9.08 20.09
N THR A 92 34.99 9.08 19.36
CA THR A 92 35.94 7.95 19.29
C THR A 92 36.44 7.55 20.69
N HIS A 93 36.46 8.49 21.66
CA HIS A 93 37.04 8.23 23.02
C HIS A 93 35.98 7.69 23.97
N GLU A 94 34.70 7.66 23.56
CA GLU A 94 33.62 7.13 24.45
C GLU A 94 33.74 5.61 24.40
N LYS A 95 33.71 4.95 25.57
CA LYS A 95 33.89 3.47 25.69
C LYS A 95 32.90 2.76 24.74
N ASN A 96 31.68 3.26 24.63
CA ASN A 96 30.62 2.63 23.81
C ASN A 96 30.94 2.71 22.31
N TRP A 97 31.89 3.55 21.85
CA TRP A 97 32.19 3.63 20.40
C TRP A 97 32.95 2.35 20.00
N LYS A 98 34.13 2.14 20.56
N LYS A 98 34.13 2.11 20.56
CA LYS A 98 35.03 1.00 20.26
CA LYS A 98 34.99 0.97 20.16
C LYS A 98 34.29 -0.31 20.53
C LYS A 98 34.33 -0.36 20.55
N LYS A 99 33.54 -0.37 21.61
CA LYS A 99 32.77 -1.57 22.04
C LYS A 99 31.78 -1.94 20.95
N ALA A 100 30.91 -1.01 20.60
CA ALA A 100 29.89 -1.20 19.55
C ALA A 100 30.55 -1.53 18.19
N HIS A 101 31.66 -0.85 17.88
CA HIS A 101 32.40 -0.95 16.59
C HIS A 101 32.95 -2.37 16.48
N ASN A 102 33.53 -2.88 17.55
CA ASN A 102 34.14 -4.24 17.54
C ASN A 102 33.05 -5.32 17.48
N ILE A 103 31.92 -5.14 18.15
CA ILE A 103 30.77 -6.10 18.13
C ILE A 103 30.11 -6.16 16.74
N LEU A 104 29.85 -5.01 16.11
CA LEU A 104 29.04 -4.88 14.86
C LEU A 104 29.85 -5.01 13.56
N LEU A 105 31.17 -4.78 13.59
N LEU A 105 31.17 -4.78 13.59
CA LEU A 105 32.04 -4.81 12.39
CA LEU A 105 32.04 -4.81 12.38
C LEU A 105 31.84 -6.15 11.67
C LEU A 105 31.84 -6.15 11.67
N PRO A 106 31.85 -7.32 12.35
CA PRO A 106 31.61 -8.60 11.65
C PRO A 106 30.23 -8.67 10.97
N SER A 107 29.22 -7.95 11.48
CA SER A 107 27.81 -7.97 10.98
C SER A 107 27.69 -7.20 9.66
N PHE A 108 28.74 -6.49 9.23
CA PHE A 108 28.74 -5.48 8.13
C PHE A 108 29.84 -5.76 7.11
N SER A 109 30.48 -6.92 7.23
CA SER A 109 31.56 -7.34 6.32
C SER A 109 30.97 -7.66 4.96
N GLN A 110 31.79 -7.67 3.91
CA GLN A 110 31.38 -8.22 2.59
C GLN A 110 30.83 -9.63 2.81
N GLN A 111 31.46 -10.44 3.67
CA GLN A 111 31.00 -11.82 3.94
C GLN A 111 29.55 -11.82 4.46
N ALA A 112 29.20 -10.97 5.45
CA ALA A 112 27.84 -10.96 6.08
C ALA A 112 26.75 -10.65 5.04
N MET A 113 27.10 -9.97 3.95
CA MET A 113 26.15 -9.62 2.86
C MET A 113 25.55 -10.89 2.25
N LYS A 114 26.26 -12.05 2.24
CA LYS A 114 25.67 -13.31 1.69
C LYS A 114 24.46 -13.73 2.53
N GLY A 115 24.51 -13.49 3.84
CA GLY A 115 23.37 -13.79 4.72
C GLY A 115 22.19 -12.83 4.55
N TYR A 116 22.42 -11.55 4.23
CA TYR A 116 21.33 -10.53 4.09
C TYR A 116 20.67 -10.63 2.71
N HIS A 117 21.30 -11.33 1.75
CA HIS A 117 20.99 -11.25 0.30
C HIS A 117 19.51 -11.63 0.08
N ALA A 118 19.05 -12.73 0.66
CA ALA A 118 17.70 -13.31 0.46
C ALA A 118 16.66 -12.26 0.85
N MET A 119 16.88 -11.62 2.00
N MET A 119 16.86 -11.57 1.98
CA MET A 119 15.98 -10.58 2.60
CA MET A 119 15.84 -10.61 2.49
C MET A 119 15.95 -9.34 1.69
C MET A 119 15.94 -9.27 1.72
N MET A 120 17.11 -8.90 1.17
CA MET A 120 17.18 -7.74 0.22
C MET A 120 16.38 -8.08 -1.03
N VAL A 121 16.53 -9.31 -1.52
CA VAL A 121 15.86 -9.73 -2.77
C VAL A 121 14.35 -9.69 -2.54
N ASP A 122 13.92 -10.09 -1.36
CA ASP A 122 12.50 -10.11 -0.97
C ASP A 122 11.92 -8.70 -1.16
N ILE A 123 12.64 -7.68 -0.70
CA ILE A 123 12.17 -6.26 -0.83
C ILE A 123 12.31 -5.79 -2.29
N ALA A 124 13.37 -6.18 -3.00
CA ALA A 124 13.65 -5.71 -4.38
C ALA A 124 12.57 -6.27 -5.30
N VAL A 125 12.14 -7.50 -5.05
CA VAL A 125 11.06 -8.16 -5.86
C VAL A 125 9.73 -7.43 -5.61
N GLN A 126 9.47 -6.97 -4.39
CA GLN A 126 8.26 -6.15 -4.07
C GLN A 126 8.33 -4.85 -4.88
N LEU A 127 9.50 -4.21 -4.99
CA LEU A 127 9.68 -2.97 -5.84
C LEU A 127 9.36 -3.29 -7.29
N VAL A 128 9.87 -4.40 -7.84
CA VAL A 128 9.71 -4.68 -9.29
C VAL A 128 8.23 -4.98 -9.61
N GLN A 129 7.58 -5.79 -8.77
CA GLN A 129 6.14 -6.13 -8.89
C GLN A 129 5.30 -4.86 -8.80
N LYS A 130 5.60 -3.97 -7.86
CA LYS A 130 4.85 -2.68 -7.79
C LYS A 130 4.88 -2.04 -9.19
N TRP A 131 6.07 -1.84 -9.76
CA TRP A 131 6.27 -1.18 -11.09
C TRP A 131 5.67 -2.01 -12.24
N GLU A 132 5.75 -3.34 -12.20
CA GLU A 132 5.11 -4.21 -13.22
C GLU A 132 3.58 -4.00 -13.24
N ARG A 133 3.00 -3.55 -12.12
CA ARG A 133 1.53 -3.52 -11.89
C ARG A 133 1.01 -2.10 -12.07
N LEU A 134 1.85 -1.16 -12.50
CA LEU A 134 1.37 0.20 -12.83
C LEU A 134 0.62 0.14 -14.19
N ASN A 135 -0.40 0.97 -14.33
CA ASN A 135 -1.20 1.09 -15.57
C ASN A 135 -0.41 2.04 -16.49
N ALA A 136 -0.75 2.04 -17.79
N ALA A 136 -0.74 1.99 -17.79
CA ALA A 136 -0.02 2.74 -18.88
CA ALA A 136 -0.11 2.77 -18.87
C ALA A 136 0.17 4.22 -18.54
C ALA A 136 -0.20 4.26 -18.52
N ASP A 137 -0.90 4.86 -18.03
N ASP A 137 0.93 4.96 -18.64
CA ASP A 137 -0.96 6.32 -17.77
CA ASP A 137 0.99 6.43 -18.48
C ASP A 137 -0.03 6.73 -16.62
C ASP A 137 0.81 6.81 -17.01
N GLU A 138 0.27 5.80 -15.69
N GLU A 138 0.79 5.83 -16.09
CA GLU A 138 0.89 6.14 -14.38
CA GLU A 138 1.02 6.07 -14.64
C GLU A 138 2.41 6.38 -14.49
C GLU A 138 2.52 6.28 -14.48
N HIS A 139 2.98 7.01 -13.46
CA HIS A 139 4.42 7.31 -13.29
C HIS A 139 4.93 6.80 -11.93
N ILE A 140 6.24 6.77 -11.81
CA ILE A 140 7.03 6.39 -10.61
C ILE A 140 7.49 7.66 -9.91
N GLU A 141 7.15 7.81 -8.63
CA GLU A 141 7.76 8.78 -7.69
C GLU A 141 9.03 8.11 -7.18
N VAL A 142 10.20 8.51 -7.68
CA VAL A 142 11.48 7.76 -7.56
C VAL A 142 12.02 7.81 -6.12
N PRO A 143 12.30 9.00 -5.51
CA PRO A 143 12.72 9.05 -4.11
C PRO A 143 11.75 8.32 -3.17
N GLU A 144 10.44 8.46 -3.39
CA GLU A 144 9.40 7.87 -2.51
C GLU A 144 9.53 6.34 -2.56
N ASP A 145 9.67 5.76 -3.74
CA ASP A 145 9.74 4.28 -3.84
C ASP A 145 11.08 3.74 -3.35
N MET A 146 12.20 4.44 -3.60
CA MET A 146 13.55 4.04 -3.12
C MET A 146 13.59 4.04 -1.58
N THR A 147 12.97 5.03 -0.94
CA THR A 147 12.90 5.08 0.52
C THR A 147 12.03 3.94 1.03
N ARG A 148 10.93 3.59 0.34
CA ARG A 148 10.11 2.42 0.75
C ARG A 148 11.04 1.20 0.72
N LEU A 149 11.83 1.07 -0.34
CA LEU A 149 12.70 -0.14 -0.49
C LEU A 149 13.77 -0.19 0.63
N THR A 150 14.54 0.89 0.82
CA THR A 150 15.70 0.92 1.75
C THR A 150 15.19 0.79 3.18
N LEU A 151 14.09 1.45 3.54
CA LEU A 151 13.54 1.31 4.91
C LEU A 151 13.18 -0.16 5.14
N ASP A 152 12.54 -0.80 4.19
CA ASP A 152 12.00 -2.17 4.35
C ASP A 152 13.21 -3.09 4.49
N THR A 153 14.27 -2.82 3.74
CA THR A 153 15.49 -3.66 3.69
C THR A 153 16.18 -3.63 5.07
N ILE A 154 16.29 -2.43 5.66
CA ILE A 154 17.00 -2.30 6.96
C ILE A 154 16.10 -2.87 8.06
N GLY A 155 14.78 -2.73 7.96
CA GLY A 155 13.84 -3.34 8.92
C GLY A 155 14.01 -4.85 9.03
N LEU A 156 14.03 -5.51 7.88
CA LEU A 156 14.01 -6.99 7.75
C LEU A 156 15.39 -7.53 8.15
N CYS A 157 16.49 -7.04 7.55
CA CYS A 157 17.89 -7.47 7.83
C CYS A 157 18.32 -7.08 9.24
N GLY A 158 17.89 -5.91 9.70
CA GLY A 158 18.22 -5.38 11.02
C GLY A 158 17.59 -6.17 12.17
N PHE A 159 16.27 -6.35 12.14
N PHE A 159 16.24 -6.19 12.28
CA PHE A 159 15.47 -6.72 13.33
CA PHE A 159 15.53 -6.84 13.42
C PHE A 159 14.30 -7.64 12.93
C PHE A 159 14.30 -7.63 12.92
N ASN A 160 14.37 -8.20 11.71
CA ASN A 160 13.33 -9.11 11.17
C ASN A 160 11.94 -8.50 11.31
N TYR A 161 11.85 -7.19 11.15
CA TYR A 161 10.58 -6.42 11.24
C TYR A 161 10.19 -5.98 9.83
N ARG A 162 8.93 -6.20 9.43
CA ARG A 162 8.40 -5.74 8.11
C ARG A 162 7.65 -4.40 8.25
N PHE A 163 8.23 -3.31 7.76
CA PHE A 163 7.54 -1.98 7.71
C PHE A 163 6.42 -2.03 6.65
N ASN A 164 6.49 -2.95 5.69
CA ASN A 164 5.42 -3.14 4.67
C ASN A 164 5.15 -1.80 3.95
N SER A 165 6.22 -1.07 3.63
CA SER A 165 6.14 0.29 3.06
C SER A 165 5.43 0.25 1.69
N PHE A 166 5.54 -0.86 0.94
CA PHE A 166 4.88 -1.00 -0.37
C PHE A 166 3.38 -1.24 -0.19
N TYR A 167 2.91 -1.49 1.04
CA TYR A 167 1.46 -1.65 1.36
C TYR A 167 0.88 -0.33 1.84
N ARG A 168 1.70 0.72 2.01
CA ARG A 168 1.27 1.99 2.65
C ARG A 168 1.45 3.17 1.69
N ASP A 169 0.68 4.22 1.95
CA ASP A 169 0.91 5.60 1.44
C ASP A 169 1.00 6.56 2.62
N GLN A 170 1.00 6.05 3.87
CA GLN A 170 1.14 6.82 5.12
C GLN A 170 2.17 6.14 6.03
N PRO A 171 3.18 6.87 6.55
CA PRO A 171 4.27 6.23 7.30
C PRO A 171 3.88 5.58 8.65
N HIS A 172 4.66 4.57 9.03
CA HIS A 172 4.70 3.93 10.37
C HIS A 172 4.78 5.02 11.44
N PRO A 173 4.15 4.83 12.63
CA PRO A 173 4.25 5.80 13.74
C PRO A 173 5.68 6.13 14.18
N PHE A 174 6.60 5.16 14.12
CA PHE A 174 8.05 5.38 14.37
C PHE A 174 8.63 6.37 13.34
N ILE A 175 8.36 6.17 12.05
CA ILE A 175 8.99 7.00 10.97
C ILE A 175 8.47 8.43 11.11
N THR A 176 7.19 8.63 11.44
N THR A 176 7.19 8.65 11.45
CA THR A 176 6.60 9.99 11.60
CA THR A 176 6.62 10.03 11.57
C THR A 176 7.45 10.74 12.62
C THR A 176 7.44 10.77 12.64
N SER A 177 7.69 10.14 13.79
CA SER A 177 8.50 10.71 14.89
C SER A 177 9.95 10.89 14.44
N MET A 178 10.50 9.87 13.76
CA MET A 178 11.93 9.86 13.37
C MET A 178 12.18 11.01 12.38
N VAL A 179 11.35 11.13 11.34
CA VAL A 179 11.50 12.19 10.29
C VAL A 179 11.28 13.58 10.94
N ARG A 180 10.30 13.70 11.85
CA ARG A 180 9.95 15.00 12.51
C ARG A 180 11.02 15.41 13.52
N ALA A 181 11.71 14.44 14.14
CA ALA A 181 12.89 14.68 15.01
C ALA A 181 14.03 15.26 14.17
N LEU A 182 14.41 14.57 13.09
CA LEU A 182 15.49 14.97 12.14
C LEU A 182 15.21 16.34 11.52
N ASP A 183 13.97 16.60 11.13
CA ASP A 183 13.50 17.89 10.56
C ASP A 183 13.88 19.00 11.57
N GLU A 184 13.47 18.80 12.83
CA GLU A 184 13.70 19.76 13.95
C GLU A 184 15.20 19.95 14.18
N ALA A 185 15.98 18.85 14.14
CA ALA A 185 17.46 18.88 14.26
C ALA A 185 18.11 19.74 13.17
N MET A 186 17.77 19.65 11.87
CA MET A 186 18.44 20.49 10.82
C MET A 186 17.94 21.94 10.86
N ASN A 187 16.66 22.16 11.16
CA ASN A 187 16.06 23.54 11.20
C ASN A 187 16.82 24.37 12.26
N LYS A 188 17.09 23.76 13.42
CA LYS A 188 17.83 24.39 14.55
C LYS A 188 19.17 25.03 14.12
N LEU A 189 19.85 24.52 13.08
CA LEU A 189 21.23 24.97 12.72
C LEU A 189 21.28 26.50 12.59
N GLN A 190 20.42 27.07 11.75
CA GLN A 190 20.37 28.54 11.43
C GLN A 190 19.87 29.37 12.63
N ARG A 191 19.10 28.75 13.54
CA ARG A 191 18.12 29.44 14.44
C ARG A 191 18.80 30.47 15.36
N ALA A 192 18.00 31.36 15.97
CA ALA A 192 18.43 32.48 16.84
C ALA A 192 18.98 31.95 18.17
N ASN A 193 18.20 31.11 18.87
CA ASN A 193 18.55 30.56 20.22
C ASN A 193 17.54 29.49 20.64
N PRO A 194 17.88 28.60 21.59
CA PRO A 194 16.90 27.82 22.33
C PRO A 194 16.44 28.63 23.55
N ASP A 195 15.59 29.62 23.30
CA ASP A 195 15.13 30.59 24.33
C ASP A 195 13.77 31.16 23.87
N ASP A 196 13.65 31.48 22.58
CA ASP A 196 12.39 32.00 21.99
C ASP A 196 11.25 31.08 22.43
N PRO A 197 10.17 31.63 23.05
CA PRO A 197 8.95 30.86 23.33
C PRO A 197 8.24 30.29 22.10
N ALA A 198 8.38 30.97 20.95
CA ALA A 198 7.90 30.54 19.61
C ALA A 198 8.28 29.07 19.34
N TYR A 199 9.55 28.71 19.56
CA TYR A 199 10.15 27.39 19.22
C TYR A 199 9.85 26.35 20.31
N ASP A 200 9.15 26.74 21.38
CA ASP A 200 8.72 25.82 22.47
C ASP A 200 7.86 24.69 21.92
N GLU A 201 6.99 24.98 20.95
CA GLU A 201 6.07 24.01 20.32
C GLU A 201 6.91 22.98 19.55
N ASN A 202 7.88 23.46 18.77
CA ASN A 202 8.93 22.65 18.09
C ASN A 202 9.73 21.85 19.12
N LYS A 203 10.02 22.44 20.29
CA LYS A 203 10.70 21.74 21.40
C LYS A 203 9.75 20.73 22.06
N ARG A 204 8.50 21.09 22.38
CA ARG A 204 7.50 20.16 22.99
C ARG A 204 7.45 18.88 22.16
N GLN A 205 7.15 19.02 20.86
CA GLN A 205 7.02 17.95 19.84
C GLN A 205 8.26 17.04 19.84
N PHE A 206 9.46 17.65 19.81
CA PHE A 206 10.79 16.98 19.78
C PHE A 206 10.90 16.02 20.97
N GLN A 207 10.50 16.45 22.17
CA GLN A 207 10.59 15.63 23.42
C GLN A 207 9.61 14.45 23.30
N GLU A 208 8.43 14.67 22.72
CA GLU A 208 7.42 13.59 22.53
C GLU A 208 7.94 12.58 21.50
N ASP A 209 8.67 13.04 20.47
CA ASP A 209 9.22 12.17 19.40
C ASP A 209 10.35 11.28 19.95
N ILE A 210 11.26 11.85 20.76
CA ILE A 210 12.35 11.10 21.46
C ILE A 210 11.73 9.99 22.33
N LYS A 211 10.73 10.30 23.14
CA LYS A 211 9.96 9.33 23.96
C LYS A 211 9.34 8.22 23.10
N VAL A 212 8.65 8.58 21.99
CA VAL A 212 7.98 7.65 21.03
C VAL A 212 9.00 6.68 20.39
N MET A 213 10.10 7.22 19.82
CA MET A 213 11.19 6.38 19.22
C MET A 213 11.74 5.45 20.33
N ASN A 214 12.02 6.00 21.51
CA ASN A 214 12.60 5.28 22.68
C ASN A 214 11.67 4.16 23.14
N ASP A 215 10.39 4.46 23.42
CA ASP A 215 9.39 3.45 23.88
C ASP A 215 9.27 2.29 22.86
N LEU A 216 9.08 2.58 21.58
CA LEU A 216 8.78 1.56 20.51
C LEU A 216 10.01 0.67 20.22
N VAL A 217 11.22 1.21 20.34
CA VAL A 217 12.48 0.45 20.13
C VAL A 217 12.79 -0.34 21.41
N ASP A 218 12.55 0.22 22.60
CA ASP A 218 12.75 -0.47 23.91
C ASP A 218 11.79 -1.67 24.01
N LYS A 219 10.57 -1.54 23.47
CA LYS A 219 9.59 -2.66 23.35
C LYS A 219 10.18 -3.76 22.45
N ILE A 220 10.57 -3.43 21.23
CA ILE A 220 11.23 -4.35 20.23
C ILE A 220 12.32 -5.20 20.92
N ILE A 221 13.29 -4.56 21.59
CA ILE A 221 14.36 -5.27 22.36
C ILE A 221 13.69 -6.23 23.37
N ALA A 222 12.71 -5.72 24.12
CA ALA A 222 11.99 -6.43 25.21
C ALA A 222 11.28 -7.68 24.68
N ASP A 223 10.51 -7.52 23.60
CA ASP A 223 9.73 -8.60 22.93
C ASP A 223 10.67 -9.61 22.26
N ARG A 224 11.92 -9.24 21.94
CA ARG A 224 12.92 -10.18 21.35
C ARG A 224 13.63 -10.96 22.48
N LYS A 225 13.97 -10.31 23.59
CA LYS A 225 14.48 -10.99 24.84
C LYS A 225 13.37 -11.88 25.43
N ALA A 226 12.11 -11.47 25.33
CA ALA A 226 10.94 -12.29 25.73
C ALA A 226 11.03 -13.68 25.07
N SER A 227 11.02 -13.72 23.73
CA SER A 227 10.84 -14.94 22.88
C SER A 227 12.07 -15.85 22.91
N GLY A 228 13.26 -15.28 23.11
CA GLY A 228 14.56 -15.99 23.06
C GLY A 228 14.96 -16.42 21.66
N GLU A 229 14.31 -15.92 20.60
CA GLU A 229 14.57 -16.47 19.23
C GLU A 229 15.83 -15.82 18.64
N GLN A 230 16.55 -16.58 17.81
CA GLN A 230 17.96 -16.32 17.40
C GLN A 230 18.06 -15.96 15.91
N SER A 231 17.00 -15.36 15.34
CA SER A 231 16.94 -14.94 13.91
C SER A 231 18.21 -14.14 13.58
N ASP A 232 18.98 -14.59 12.59
CA ASP A 232 20.29 -14.01 12.19
C ASP A 232 20.04 -12.58 11.68
N ASP A 233 19.97 -11.64 12.61
CA ASP A 233 19.71 -10.19 12.33
C ASP A 233 20.57 -9.36 13.28
N LEU A 234 20.74 -8.06 12.98
CA LEU A 234 21.62 -7.16 13.77
C LEU A 234 21.21 -7.25 15.24
N LEU A 235 19.91 -7.36 15.55
CA LEU A 235 19.38 -7.33 16.94
C LEU A 235 19.92 -8.53 17.71
N THR A 236 19.84 -9.71 17.10
CA THR A 236 20.46 -10.96 17.62
C THR A 236 21.96 -10.73 17.88
N HIS A 237 22.71 -10.26 16.88
CA HIS A 237 24.19 -10.02 16.98
C HIS A 237 24.50 -9.12 18.19
N MET A 238 23.65 -8.12 18.41
CA MET A 238 23.82 -7.10 19.47
C MET A 238 23.45 -7.69 20.83
N LEU A 239 22.48 -8.61 20.89
CA LEU A 239 22.05 -9.22 22.17
C LEU A 239 23.07 -10.28 22.63
N ASN A 240 23.67 -11.04 21.71
CA ASN A 240 24.59 -12.15 22.02
C ASN A 240 26.05 -11.70 21.99
N GLY A 241 26.38 -10.66 21.22
CA GLY A 241 27.78 -10.35 20.80
C GLY A 241 28.61 -9.78 21.93
N LYS A 242 29.88 -10.17 22.03
CA LYS A 242 30.77 -9.66 23.10
C LYS A 242 31.98 -9.00 22.44
N ASP A 243 32.29 -7.79 22.87
CA ASP A 243 33.52 -7.08 22.45
C ASP A 243 34.72 -7.87 22.94
N PRO A 244 35.69 -8.26 22.06
CA PRO A 244 36.90 -8.96 22.49
C PRO A 244 37.83 -8.16 23.43
N GLU A 245 37.76 -6.82 23.41
CA GLU A 245 38.64 -5.98 24.27
C GLU A 245 38.13 -6.00 25.71
N THR A 246 36.95 -5.41 25.95
CA THR A 246 36.33 -5.28 27.28
C THR A 246 35.72 -6.62 27.69
N GLY A 247 35.42 -7.49 26.72
CA GLY A 247 34.70 -8.76 26.96
C GLY A 247 33.23 -8.53 27.20
N GLU A 248 32.78 -7.27 27.24
CA GLU A 248 31.36 -6.92 27.57
C GLU A 248 30.47 -6.95 26.33
N PRO A 249 29.17 -7.24 26.50
CA PRO A 249 28.16 -6.95 25.47
C PRO A 249 27.67 -5.51 25.65
N LEU A 250 26.98 -4.97 24.65
CA LEU A 250 26.29 -3.66 24.74
C LEU A 250 25.15 -3.75 25.77
N ASP A 251 24.89 -2.71 26.55
CA ASP A 251 23.68 -2.69 27.42
C ASP A 251 22.44 -2.32 26.57
N ASP A 252 21.25 -2.46 27.15
CA ASP A 252 19.97 -2.33 26.39
C ASP A 252 19.82 -0.88 25.88
N GLU A 253 20.35 0.11 26.61
CA GLU A 253 20.17 1.52 26.23
C GLU A 253 20.99 1.77 24.95
N ASN A 254 22.25 1.34 24.92
CA ASN A 254 23.09 1.50 23.71
C ASN A 254 22.47 0.74 22.52
N ILE A 255 21.91 -0.46 22.75
CA ILE A 255 21.28 -1.25 21.64
C ILE A 255 20.11 -0.42 21.08
N ARG A 256 19.31 0.22 21.92
CA ARG A 256 18.20 1.02 21.38
C ARG A 256 18.81 2.13 20.52
N TYR A 257 19.91 2.76 20.96
CA TYR A 257 20.55 3.84 20.18
C TYR A 257 21.05 3.29 18.82
N GLN A 258 21.60 2.08 18.79
CA GLN A 258 22.12 1.50 17.52
C GLN A 258 20.94 1.28 16.57
N ILE A 259 19.82 0.75 17.06
CA ILE A 259 18.63 0.45 16.21
C ILE A 259 18.11 1.76 15.58
N ILE A 260 17.95 2.80 16.39
CA ILE A 260 17.50 4.12 15.86
C ILE A 260 18.49 4.59 14.80
N THR A 261 19.78 4.52 15.10
CA THR A 261 20.87 4.95 14.19
C THR A 261 20.77 4.21 12.85
N PHE A 262 20.61 2.88 12.90
CA PHE A 262 20.48 2.02 11.67
C PHE A 262 19.19 2.33 10.90
N LEU A 263 18.09 2.60 11.57
CA LEU A 263 16.78 2.86 10.90
C LEU A 263 16.87 4.19 10.14
N ILE A 264 17.51 5.21 10.70
CA ILE A 264 17.69 6.53 10.05
C ILE A 264 18.57 6.33 8.81
N ALA A 265 19.71 5.67 8.97
CA ALA A 265 20.70 5.48 7.87
C ALA A 265 19.97 4.93 6.64
N GLY A 266 19.16 3.90 6.88
CA GLY A 266 18.52 3.06 5.85
C GLY A 266 17.18 3.63 5.38
N HIS A 267 16.78 4.78 5.91
CA HIS A 267 15.72 5.65 5.34
C HIS A 267 16.36 6.79 4.52
N GLU A 268 17.57 7.24 4.88
CA GLU A 268 18.05 8.60 4.53
C GLU A 268 19.24 8.58 3.54
N THR A 269 19.89 7.45 3.28
CA THR A 269 21.19 7.48 2.57
C THR A 269 21.12 6.64 1.31
N THR A 270 20.95 5.32 1.44
CA THR A 270 20.89 4.40 0.28
C THR A 270 19.75 4.87 -0.64
N SER A 271 18.61 5.31 -0.10
CA SER A 271 17.45 5.77 -0.91
C SER A 271 17.92 6.92 -1.83
N GLY A 272 18.72 7.86 -1.31
CA GLY A 272 19.27 9.01 -2.06
C GLY A 272 20.21 8.56 -3.18
N LEU A 273 21.11 7.63 -2.89
CA LEU A 273 22.03 7.07 -3.91
C LEU A 273 21.21 6.53 -5.10
N LEU A 274 20.22 5.68 -4.83
CA LEU A 274 19.46 5.03 -5.93
C LEU A 274 18.75 6.10 -6.76
N SER A 275 18.18 7.12 -6.09
CA SER A 275 17.47 8.23 -6.76
C SER A 275 18.43 8.99 -7.68
N PHE A 276 19.62 9.38 -7.19
CA PHE A 276 20.59 10.13 -8.01
C PHE A 276 21.02 9.25 -9.19
N ALA A 277 21.39 8.00 -8.89
CA ALA A 277 21.80 7.02 -9.92
C ALA A 277 20.76 6.96 -11.05
N LEU A 278 19.45 6.76 -10.77
CA LEU A 278 18.43 6.68 -11.86
C LEU A 278 18.34 8.01 -12.63
N TYR A 279 18.43 9.14 -11.93
CA TYR A 279 18.44 10.50 -12.53
C TYR A 279 19.56 10.59 -13.59
N PHE A 280 20.79 10.25 -13.23
CA PHE A 280 21.96 10.34 -14.15
C PHE A 280 21.78 9.35 -15.32
N LEU A 281 21.16 8.20 -15.07
CA LEU A 281 20.93 7.19 -16.13
C LEU A 281 19.93 7.71 -17.19
N VAL A 282 18.78 8.24 -16.78
CA VAL A 282 17.78 8.78 -17.73
C VAL A 282 18.33 10.05 -18.40
N LYS A 283 19.28 10.79 -17.79
CA LYS A 283 19.87 12.02 -18.40
C LYS A 283 21.08 11.68 -19.27
N ASN A 284 21.49 10.40 -19.29
CA ASN A 284 22.67 9.88 -20.01
C ASN A 284 22.33 8.53 -20.65
N PRO A 285 21.50 8.51 -21.72
CA PRO A 285 21.14 7.30 -22.46
C PRO A 285 22.22 6.28 -22.85
N HIS A 286 23.40 6.71 -23.30
CA HIS A 286 24.56 5.84 -23.65
C HIS A 286 24.94 5.01 -22.40
N VAL A 287 24.89 5.66 -21.24
CA VAL A 287 25.31 5.04 -19.95
C VAL A 287 24.20 4.05 -19.58
N LEU A 288 22.92 4.47 -19.66
CA LEU A 288 21.79 3.56 -19.28
C LEU A 288 21.94 2.28 -20.10
N GLN A 289 22.40 2.42 -21.33
CA GLN A 289 22.43 1.32 -22.31
C GLN A 289 23.52 0.34 -21.90
N LYS A 290 24.73 0.84 -21.64
CA LYS A 290 25.84 0.01 -21.12
C LYS A 290 25.38 -0.69 -19.83
N ALA A 291 24.72 0.02 -18.92
CA ALA A 291 24.30 -0.54 -17.62
C ALA A 291 23.23 -1.62 -17.84
N ALA A 292 22.24 -1.40 -18.72
CA ALA A 292 21.13 -2.36 -18.94
C ALA A 292 21.67 -3.58 -19.69
N GLU A 293 22.77 -3.44 -20.43
CA GLU A 293 23.38 -4.57 -21.21
C GLU A 293 23.98 -5.53 -20.21
N GLU A 294 24.68 -4.96 -19.22
CA GLU A 294 25.32 -5.75 -18.15
C GLU A 294 24.25 -6.41 -17.30
N ALA A 295 23.22 -5.68 -16.87
CA ALA A 295 22.12 -6.26 -16.07
C ALA A 295 21.52 -7.46 -16.80
N ALA A 296 21.23 -7.35 -18.11
CA ALA A 296 20.53 -8.41 -18.89
C ALA A 296 21.45 -9.62 -19.09
N ARG A 297 22.74 -9.39 -19.27
CA ARG A 297 23.74 -10.48 -19.46
C ARG A 297 23.96 -11.27 -18.16
N VAL A 298 23.94 -10.60 -17.02
CA VAL A 298 24.45 -11.17 -15.75
C VAL A 298 23.31 -11.80 -14.97
N LEU A 299 22.22 -11.06 -14.79
CA LEU A 299 21.04 -11.53 -13.99
C LEU A 299 20.17 -12.43 -14.89
N VAL A 300 20.67 -13.63 -15.21
CA VAL A 300 20.02 -14.61 -16.12
C VAL A 300 18.93 -15.42 -15.40
N ASP A 301 18.81 -15.32 -14.07
CA ASP A 301 17.79 -16.07 -13.28
C ASP A 301 16.72 -15.14 -12.78
N PRO A 302 15.49 -15.63 -12.53
CA PRO A 302 14.42 -14.79 -12.00
C PRO A 302 14.75 -14.16 -10.64
N VAL A 303 15.50 -14.88 -9.81
CA VAL A 303 16.00 -14.42 -8.47
C VAL A 303 17.52 -14.23 -8.53
N PRO A 304 18.03 -12.98 -8.45
CA PRO A 304 19.48 -12.75 -8.44
C PRO A 304 20.16 -13.39 -7.22
N SER A 305 21.26 -14.11 -7.48
CA SER A 305 22.21 -14.65 -6.49
C SER A 305 23.16 -13.56 -5.99
N TYR A 306 23.70 -13.72 -4.78
CA TYR A 306 24.86 -12.94 -4.27
C TYR A 306 25.91 -12.83 -5.38
N LYS A 307 26.28 -13.95 -5.99
CA LYS A 307 27.45 -14.06 -6.90
C LYS A 307 27.25 -13.16 -8.12
N GLN A 308 26.03 -13.20 -8.66
CA GLN A 308 25.58 -12.42 -9.83
C GLN A 308 25.64 -10.92 -9.52
N VAL A 309 25.24 -10.49 -8.32
CA VAL A 309 25.30 -9.03 -8.00
C VAL A 309 26.78 -8.59 -7.99
N LYS A 310 27.70 -9.46 -7.55
CA LYS A 310 29.15 -9.11 -7.49
C LYS A 310 29.69 -8.93 -8.91
N GLN A 311 29.01 -9.46 -9.93
CA GLN A 311 29.48 -9.40 -11.35
C GLN A 311 29.04 -8.10 -12.03
N LEU A 312 28.12 -7.34 -11.42
CA LEU A 312 27.63 -6.09 -12.05
C LEU A 312 28.65 -4.98 -11.82
N LYS A 313 29.79 -5.10 -12.50
CA LYS A 313 30.91 -4.11 -12.37
C LYS A 313 30.45 -2.71 -12.81
N TYR A 314 29.79 -2.60 -13.98
CA TYR A 314 29.44 -1.28 -14.58
C TYR A 314 28.38 -0.61 -13.72
N VAL A 315 27.37 -1.36 -13.28
CA VAL A 315 26.36 -0.86 -12.31
C VAL A 315 27.07 -0.32 -11.06
N GLY A 316 28.06 -1.03 -10.55
CA GLY A 316 28.98 -0.48 -9.51
C GLY A 316 29.58 0.86 -9.90
N MET A 317 30.10 0.97 -11.11
CA MET A 317 30.71 2.25 -11.62
C MET A 317 29.66 3.37 -11.68
N VAL A 318 28.42 3.07 -12.10
CA VAL A 318 27.32 4.08 -12.15
C VAL A 318 27.12 4.60 -10.72
N LEU A 319 27.02 3.69 -9.73
CA LEU A 319 26.78 4.05 -8.30
C LEU A 319 27.93 4.91 -7.77
N ASN A 320 29.17 4.58 -8.12
CA ASN A 320 30.35 5.39 -7.69
C ASN A 320 30.36 6.79 -8.32
N GLU A 321 29.99 6.90 -9.61
CA GLU A 321 29.87 8.20 -10.32
C GLU A 321 28.74 9.04 -9.71
N ALA A 322 27.60 8.43 -9.28
CA ALA A 322 26.49 9.12 -8.58
C ALA A 322 26.96 9.63 -7.21
N LEU A 323 27.69 8.80 -6.46
CA LEU A 323 28.35 9.18 -5.18
C LEU A 323 29.38 10.28 -5.44
N ARG A 324 30.09 10.27 -6.56
CA ARG A 324 31.10 11.34 -6.82
C ARG A 324 30.38 12.70 -6.91
N LEU A 325 29.35 12.85 -7.75
CA LEU A 325 28.71 14.18 -7.97
C LEU A 325 27.83 14.55 -6.77
N TRP A 326 27.10 13.59 -6.22
CA TRP A 326 26.10 13.89 -5.16
C TRP A 326 26.24 12.89 -4.03
N PRO A 327 27.38 12.93 -3.29
CA PRO A 327 27.58 12.11 -2.08
C PRO A 327 26.47 12.41 -1.06
N THR A 328 25.60 11.44 -0.77
CA THR A 328 24.28 11.68 -0.11
C THR A 328 24.41 12.07 1.35
N ALA A 329 25.54 11.76 1.99
CA ALA A 329 25.92 12.30 3.31
C ALA A 329 27.06 13.28 3.03
N PRO A 330 26.77 14.56 2.70
CA PRO A 330 27.71 15.41 1.97
C PRO A 330 28.90 16.01 2.73
N ALA A 331 28.88 15.99 4.07
CA ALA A 331 29.93 16.58 4.91
C ALA A 331 30.19 15.69 6.12
N PHE A 332 31.41 15.76 6.63
CA PHE A 332 31.80 15.25 7.97
C PHE A 332 32.82 16.21 8.58
N SER A 333 32.93 16.12 9.92
CA SER A 333 33.66 17.09 10.77
C SER A 333 34.85 16.43 11.48
N LEU A 334 35.95 17.15 11.57
CA LEU A 334 37.20 16.66 12.19
C LEU A 334 37.64 17.69 13.23
N TYR A 335 38.43 17.29 14.23
CA TYR A 335 39.16 18.24 15.13
C TYR A 335 40.65 17.89 15.12
N ALA A 336 41.48 18.93 15.33
CA ALA A 336 42.93 18.79 15.60
C ALA A 336 43.15 18.14 16.97
N LYS A 337 43.76 16.96 16.99
CA LYS A 337 44.19 16.23 18.21
C LYS A 337 45.29 17.03 18.92
N GLU A 338 46.16 17.74 18.17
CA GLU A 338 47.25 18.59 18.70
C GLU A 338 47.41 19.85 17.82
N ASP A 339 48.12 20.88 18.30
CA ASP A 339 48.58 21.97 17.42
C ASP A 339 49.20 21.34 16.18
N THR A 340 48.92 21.89 15.00
CA THR A 340 49.45 21.35 13.72
C THR A 340 49.32 22.42 12.64
N VAL A 341 50.00 22.21 11.51
CA VAL A 341 49.95 23.17 10.37
C VAL A 341 49.28 22.43 9.21
N LEU A 342 48.18 22.96 8.70
CA LEU A 342 47.45 22.34 7.56
C LEU A 342 48.09 22.80 6.24
N GLY A 343 48.63 21.87 5.46
CA GLY A 343 49.08 22.17 4.10
C GLY A 343 50.21 23.19 4.06
N GLY A 344 51.07 23.19 5.07
CA GLY A 344 52.23 24.09 5.14
C GLY A 344 51.82 25.55 5.30
N GLU A 345 50.54 25.85 5.54
CA GLU A 345 50.06 27.26 5.35
C GLU A 345 49.13 27.74 6.46
N TYR A 346 48.26 26.88 6.98
CA TYR A 346 47.19 27.23 7.94
C TYR A 346 47.48 26.60 9.31
N PRO A 347 48.08 27.36 10.27
CA PRO A 347 48.32 26.86 11.63
C PRO A 347 47.03 26.62 12.42
N LEU A 348 46.85 25.40 12.90
CA LEU A 348 45.70 25.07 13.78
C LEU A 348 46.22 24.82 15.18
N GLU A 349 45.45 25.21 16.18
CA GLU A 349 45.58 24.75 17.58
C GLU A 349 44.75 23.48 17.80
N LYS A 350 45.23 22.63 18.73
CA LYS A 350 44.47 21.52 19.37
C LYS A 350 43.00 21.89 19.60
N GLY A 351 42.08 21.07 19.12
CA GLY A 351 40.63 21.34 19.24
C GLY A 351 40.02 22.04 18.02
N ASP A 352 40.79 22.75 17.21
CA ASP A 352 40.26 23.50 16.04
C ASP A 352 39.48 22.57 15.11
N GLU A 353 38.34 23.03 14.60
CA GLU A 353 37.40 22.18 13.82
C GLU A 353 37.60 22.37 12.31
N LEU A 354 37.54 21.27 11.57
CA LEU A 354 37.46 21.27 10.08
C LEU A 354 36.11 20.65 9.62
N MET A 355 35.63 21.08 8.46
CA MET A 355 34.49 20.46 7.75
C MET A 355 34.97 20.04 6.35
N VAL A 356 34.75 18.80 5.97
CA VAL A 356 35.08 18.27 4.61
C VAL A 356 33.83 18.37 3.75
N LEU A 357 33.86 19.19 2.71
CA LEU A 357 32.71 19.40 1.77
C LEU A 357 32.87 18.36 0.69
N ILE A 358 32.27 17.17 0.87
CA ILE A 358 32.59 16.01 -0.02
C ILE A 358 32.22 16.34 -1.48
N PRO A 359 31.07 16.96 -1.81
CA PRO A 359 30.73 17.26 -3.20
C PRO A 359 31.79 18.14 -3.88
N GLN A 360 32.50 18.96 -3.09
CA GLN A 360 33.55 19.88 -3.61
C GLN A 360 34.85 19.10 -3.84
N LEU A 361 35.21 18.22 -2.90
CA LEU A 361 36.35 17.28 -3.05
C LEU A 361 36.19 16.54 -4.38
N HIS A 362 34.98 16.07 -4.67
CA HIS A 362 34.67 15.21 -5.83
C HIS A 362 34.66 16.03 -7.13
N ARG A 363 34.81 17.37 -7.06
CA ARG A 363 34.92 18.29 -8.23
C ARG A 363 36.31 18.92 -8.37
N ASP A 364 37.33 18.45 -7.65
CA ASP A 364 38.71 19.02 -7.69
C ASP A 364 39.31 18.72 -9.06
N LYS A 365 39.34 19.72 -9.96
CA LYS A 365 39.77 19.52 -11.38
C LYS A 365 41.20 18.99 -11.44
N THR A 366 42.02 19.18 -10.41
CA THR A 366 43.42 18.71 -10.36
C THR A 366 43.46 17.19 -10.21
N ILE A 367 42.37 16.55 -9.76
CA ILE A 367 42.23 15.08 -9.61
C ILE A 367 41.46 14.51 -10.82
N TRP A 368 40.33 15.12 -11.17
CA TRP A 368 39.34 14.45 -12.06
C TRP A 368 39.37 15.01 -13.49
N GLY A 369 40.13 16.08 -13.75
CA GLY A 369 40.21 16.72 -15.08
C GLY A 369 39.18 17.83 -15.21
N ASP A 370 38.97 18.38 -16.40
CA ASP A 370 38.12 19.59 -16.55
C ASP A 370 36.64 19.20 -16.57
N ASP A 371 36.32 17.95 -16.91
CA ASP A 371 34.94 17.45 -17.20
C ASP A 371 34.20 17.09 -15.90
N VAL A 372 34.48 17.73 -14.75
CA VAL A 372 34.05 17.20 -13.41
C VAL A 372 32.53 17.13 -13.34
N GLU A 373 31.81 17.93 -14.14
CA GLU A 373 30.32 18.02 -14.03
C GLU A 373 29.70 16.90 -14.86
N GLU A 374 30.46 16.25 -15.72
CA GLU A 374 29.96 15.14 -16.58
C GLU A 374 29.79 13.86 -15.75
N PHE A 375 28.73 13.11 -16.04
CA PHE A 375 28.44 11.76 -15.52
C PHE A 375 29.12 10.73 -16.41
N ARG A 376 30.27 10.23 -15.99
CA ARG A 376 31.10 9.27 -16.74
C ARG A 376 31.50 8.13 -15.82
N PRO A 377 30.72 7.04 -15.73
CA PRO A 377 31.09 5.92 -14.86
C PRO A 377 32.46 5.31 -15.22
N GLU A 378 32.92 5.58 -16.45
CA GLU A 378 34.20 5.07 -17.03
C GLU A 378 35.39 5.63 -16.24
N ARG A 379 35.24 6.76 -15.56
CA ARG A 379 36.24 7.28 -14.58
C ARG A 379 36.64 6.18 -13.60
N PHE A 380 35.74 5.24 -13.29
CA PHE A 380 35.93 4.25 -12.20
C PHE A 380 36.24 2.87 -12.79
N GLU A 381 36.54 2.77 -14.08
CA GLU A 381 36.82 1.45 -14.72
C GLU A 381 37.99 0.77 -13.99
N ASN A 382 38.97 1.58 -13.58
CA ASN A 382 40.25 1.13 -12.95
C ASN A 382 40.38 1.77 -11.57
N PRO A 383 39.98 1.07 -10.47
CA PRO A 383 39.88 1.69 -9.14
C PRO A 383 41.22 2.15 -8.51
N SER A 384 42.36 1.69 -9.03
CA SER A 384 43.72 2.07 -8.54
C SER A 384 44.21 3.36 -9.22
N ALA A 385 43.53 3.81 -10.28
CA ALA A 385 43.75 5.12 -10.92
C ALA A 385 43.23 6.26 -10.03
N ILE A 386 42.42 5.98 -9.01
CA ILE A 386 41.88 7.04 -8.11
C ILE A 386 42.88 7.28 -6.99
N PRO A 387 43.39 8.52 -6.84
CA PRO A 387 44.31 8.80 -5.74
C PRO A 387 43.67 8.61 -4.35
N GLN A 388 44.52 8.33 -3.35
CA GLN A 388 44.11 8.13 -1.93
C GLN A 388 43.44 9.41 -1.41
N HIS A 389 42.25 9.29 -0.83
CA HIS A 389 41.48 10.41 -0.23
C HIS A 389 40.99 11.37 -1.32
N ALA A 390 40.99 10.99 -2.60
CA ALA A 390 40.31 11.79 -3.64
C ALA A 390 38.80 11.52 -3.61
N PHE A 391 38.38 10.33 -3.17
CA PHE A 391 36.96 9.87 -3.28
C PHE A 391 36.51 9.33 -1.91
N LYS A 392 35.69 10.11 -1.19
CA LYS A 392 35.38 9.87 0.23
C LYS A 392 33.90 9.90 0.51
N PRO A 393 33.04 9.29 -0.33
CA PRO A 393 31.60 9.31 -0.07
C PRO A 393 31.18 8.59 1.23
N PHE A 394 32.05 7.71 1.76
CA PHE A 394 31.77 6.91 2.99
C PHE A 394 32.63 7.40 4.15
N GLY A 395 33.26 8.58 3.99
CA GLY A 395 34.08 9.18 5.06
C GLY A 395 35.45 8.54 5.19
N ASN A 396 35.99 8.47 6.41
CA ASN A 396 37.45 8.29 6.60
C ASN A 396 37.82 7.43 7.82
N GLY A 397 38.71 6.46 7.58
CA GLY A 397 39.43 5.74 8.64
C GLY A 397 38.46 4.95 9.48
N GLN A 398 38.73 4.79 10.78
CA GLN A 398 37.95 3.91 11.69
C GLN A 398 36.53 4.46 11.88
N ARG A 399 36.35 5.76 11.63
CA ARG A 399 35.01 6.43 11.71
C ARG A 399 34.34 6.47 10.32
N ALA A 400 34.78 5.64 9.36
CA ALA A 400 34.12 5.55 8.05
C ALA A 400 32.79 4.79 8.25
N CYS A 401 31.96 4.85 7.22
CA CYS A 401 30.62 4.22 7.18
C CYS A 401 30.77 2.71 7.39
N ILE A 402 30.23 2.24 8.49
CA ILE A 402 30.16 0.78 8.77
C ILE A 402 29.21 0.12 7.74
N GLY A 403 28.28 0.89 7.17
CA GLY A 403 27.20 0.38 6.29
C GLY A 403 27.58 0.31 4.80
N GLN A 404 28.85 0.61 4.47
CA GLN A 404 29.31 0.82 3.07
C GLN A 404 28.96 -0.40 2.21
N GLN A 405 29.35 -1.59 2.64
CA GLN A 405 29.17 -2.81 1.79
C GLN A 405 27.67 -3.13 1.72
N PHE A 406 26.93 -2.89 2.81
CA PHE A 406 25.46 -3.10 2.92
C PHE A 406 24.76 -2.16 1.91
N ALA A 407 25.13 -0.87 1.93
CA ALA A 407 24.62 0.15 0.98
C ALA A 407 24.89 -0.28 -0.48
N LEU A 408 26.14 -0.58 -0.82
CA LEU A 408 26.50 -0.91 -2.23
C LEU A 408 25.86 -2.24 -2.66
N HIS A 409 25.74 -3.24 -1.79
CA HIS A 409 25.13 -4.54 -2.17
C HIS A 409 23.66 -4.28 -2.51
N GLU A 410 22.95 -3.59 -1.62
CA GLU A 410 21.54 -3.27 -1.82
C GLU A 410 21.36 -2.42 -3.09
N ALA A 411 22.16 -1.36 -3.32
CA ALA A 411 22.02 -0.44 -4.49
C ALA A 411 22.34 -1.20 -5.80
N THR A 412 23.38 -2.01 -5.79
CA THR A 412 23.76 -2.84 -6.97
C THR A 412 22.61 -3.81 -7.26
N LEU A 413 22.15 -4.58 -6.28
CA LEU A 413 21.07 -5.57 -6.51
C LEU A 413 19.89 -4.86 -7.15
N VAL A 414 19.42 -3.80 -6.50
CA VAL A 414 18.14 -3.19 -6.87
C VAL A 414 18.26 -2.52 -8.23
N LEU A 415 19.33 -1.73 -8.47
CA LEU A 415 19.52 -1.03 -9.75
C LEU A 415 19.70 -2.12 -10.82
N GLY A 416 20.37 -3.23 -10.50
CA GLY A 416 20.51 -4.33 -11.48
C GLY A 416 19.15 -4.79 -11.98
N MET A 417 18.27 -5.09 -11.03
CA MET A 417 16.93 -5.63 -11.30
C MET A 417 16.12 -4.58 -12.07
N MET A 418 16.10 -3.32 -11.63
CA MET A 418 15.35 -2.25 -12.33
C MET A 418 15.72 -2.18 -13.83
N LEU A 419 17.03 -2.14 -14.13
CA LEU A 419 17.62 -2.11 -15.49
C LEU A 419 17.33 -3.39 -16.26
N LYS A 420 17.24 -4.53 -15.57
CA LYS A 420 16.91 -5.84 -16.21
C LYS A 420 15.45 -5.80 -16.64
N HIS A 421 14.58 -5.22 -15.81
CA HIS A 421 13.11 -5.42 -15.90
C HIS A 421 12.39 -4.30 -16.69
N PHE A 422 12.97 -3.12 -16.86
CA PHE A 422 12.26 -1.93 -17.41
C PHE A 422 13.17 -1.10 -18.32
N ASP A 423 12.56 -0.43 -19.28
CA ASP A 423 13.10 0.78 -19.97
C ASP A 423 12.53 1.98 -19.19
N PHE A 424 13.22 3.10 -19.19
CA PHE A 424 12.87 4.27 -18.35
C PHE A 424 12.72 5.48 -19.25
N GLU A 425 11.71 6.31 -18.99
CA GLU A 425 11.48 7.55 -19.77
C GLU A 425 11.45 8.74 -18.81
N ASP A 426 12.29 9.76 -19.07
CA ASP A 426 12.27 11.05 -18.35
C ASP A 426 11.17 11.90 -19.00
N HIS A 427 9.92 11.51 -18.78
CA HIS A 427 8.75 12.01 -19.53
C HIS A 427 8.47 13.47 -19.20
N THR A 428 8.97 14.02 -18.09
CA THR A 428 8.72 15.44 -17.69
C THR A 428 9.94 16.31 -18.00
N ASN A 429 11.00 15.72 -18.55
CA ASN A 429 12.33 16.40 -18.66
C ASN A 429 12.66 17.00 -17.28
N TYR A 430 12.77 16.17 -16.26
CA TYR A 430 12.90 16.59 -14.83
C TYR A 430 14.12 17.52 -14.65
N GLU A 431 13.90 18.67 -14.01
CA GLU A 431 14.92 19.65 -13.58
C GLU A 431 15.37 19.29 -12.17
N LEU A 432 16.65 18.93 -11.99
CA LEU A 432 17.21 18.52 -10.66
C LEU A 432 16.89 19.60 -9.61
N ASP A 433 16.29 19.17 -8.52
CA ASP A 433 15.96 19.96 -7.33
C ASP A 433 16.34 19.13 -6.11
N ILE A 434 17.44 19.47 -5.43
CA ILE A 434 18.05 18.61 -4.37
C ILE A 434 17.53 19.09 -3.00
N LYS A 435 16.65 18.28 -2.41
CA LYS A 435 16.15 18.46 -1.02
C LYS A 435 17.24 18.03 -0.02
N GLU A 436 17.43 18.87 1.00
CA GLU A 436 18.45 18.72 2.05
C GLU A 436 17.71 18.47 3.36
N THR A 437 17.99 17.30 3.93
CA THR A 437 17.60 16.87 5.30
C THR A 437 18.94 16.66 6.01
N LEU A 438 19.18 15.50 6.60
CA LEU A 438 20.57 15.19 7.01
C LEU A 438 21.36 14.92 5.72
N THR A 439 20.63 14.50 4.69
CA THR A 439 21.18 13.89 3.47
C THR A 439 20.62 14.65 2.27
N LEU A 440 21.00 14.22 1.07
CA LEU A 440 20.52 14.82 -0.20
C LEU A 440 19.62 13.80 -0.89
N LYS A 441 18.51 14.26 -1.44
CA LYS A 441 17.64 13.46 -2.32
C LYS A 441 17.10 14.37 -3.41
N PRO A 442 16.90 13.83 -4.63
CA PRO A 442 16.23 14.57 -5.70
C PRO A 442 14.69 14.65 -5.57
N GLU A 443 14.19 15.75 -5.01
CA GLU A 443 12.75 16.02 -4.85
C GLU A 443 12.01 16.10 -6.20
N GLY A 444 10.84 15.48 -6.28
CA GLY A 444 9.91 15.60 -7.44
C GLY A 444 10.37 14.75 -8.61
N PHE A 445 11.42 13.93 -8.43
CA PHE A 445 11.98 13.11 -9.54
C PHE A 445 10.97 12.02 -9.86
N VAL A 446 10.45 12.07 -11.10
CA VAL A 446 9.38 11.17 -11.61
C VAL A 446 9.85 10.58 -12.95
N VAL A 447 9.64 9.27 -13.14
CA VAL A 447 9.88 8.59 -14.45
C VAL A 447 8.64 7.78 -14.85
N LYS A 448 8.61 7.30 -16.09
CA LYS A 448 7.75 6.17 -16.48
C LYS A 448 8.66 4.99 -16.78
N ALA A 449 8.18 3.79 -16.47
CA ALA A 449 8.84 2.53 -16.84
C ALA A 449 7.96 1.80 -17.86
N LYS A 450 8.64 1.15 -18.79
CA LYS A 450 8.01 0.33 -19.84
C LYS A 450 8.56 -1.07 -19.60
N SER A 451 7.72 -1.99 -19.16
CA SER A 451 8.15 -3.36 -18.79
C SER A 451 8.84 -3.98 -19.99
N LYS A 452 9.90 -4.74 -19.76
CA LYS A 452 10.51 -5.64 -20.77
C LYS A 452 9.88 -7.02 -20.68
N LYS A 453 8.85 -7.16 -19.84
CA LYS A 453 7.98 -8.35 -19.70
C LYS A 453 8.86 -9.59 -19.49
N ILE A 454 9.87 -9.48 -18.62
CA ILE A 454 10.73 -10.60 -18.17
C ILE A 454 10.15 -11.14 -16.87
N PRO A 455 9.70 -12.41 -16.86
CA PRO A 455 9.16 -13.04 -15.64
C PRO A 455 10.09 -13.05 -14.42
N LEU A 456 9.53 -12.77 -13.24
CA LEU A 456 10.16 -13.05 -11.92
C LEU A 456 9.87 -14.51 -11.54
N ILE B 3 -59.79 -14.08 2.63
CA ILE B 3 -58.80 -12.96 2.44
C ILE B 3 -58.51 -12.31 3.81
N LYS B 4 -57.23 -12.20 4.17
CA LYS B 4 -56.75 -11.57 5.44
C LYS B 4 -56.45 -10.09 5.21
N GLU B 5 -56.55 -9.29 6.27
CA GLU B 5 -56.00 -7.91 6.33
C GLU B 5 -54.53 -7.99 6.74
N MET B 6 -53.68 -7.39 5.91
CA MET B 6 -52.20 -7.28 6.08
C MET B 6 -51.86 -6.40 7.28
N PRO B 7 -51.04 -6.85 8.26
CA PRO B 7 -50.49 -5.94 9.27
C PRO B 7 -49.64 -4.81 8.65
N GLN B 8 -49.50 -3.73 9.40
CA GLN B 8 -48.65 -2.55 9.08
C GLN B 8 -47.93 -2.13 10.35
N PRO B 9 -46.62 -1.81 10.31
CA PRO B 9 -45.91 -1.36 11.50
C PRO B 9 -46.32 0.08 11.85
N LYS B 10 -45.67 0.68 12.84
CA LYS B 10 -46.09 1.97 13.45
C LYS B 10 -46.01 3.09 12.42
N THR B 11 -46.93 4.07 12.46
CA THR B 11 -46.95 5.21 11.54
C THR B 11 -46.72 6.53 12.29
N PHE B 12 -46.39 7.57 11.50
CA PHE B 12 -45.96 8.92 11.94
C PHE B 12 -46.80 9.96 11.21
N GLY B 13 -48.12 9.85 11.34
CA GLY B 13 -49.07 10.79 10.72
C GLY B 13 -48.87 10.81 9.21
N GLU B 14 -48.82 12.01 8.63
CA GLU B 14 -48.66 12.30 7.19
C GLU B 14 -47.51 11.47 6.59
N LEU B 15 -46.39 11.31 7.30
CA LEU B 15 -45.17 10.54 6.85
C LEU B 15 -45.38 9.01 6.86
N LYS B 16 -46.50 8.51 7.39
CA LYS B 16 -46.85 7.05 7.41
C LYS B 16 -45.66 6.26 7.96
N ASN B 17 -45.11 5.29 7.21
CA ASN B 17 -44.00 4.42 7.71
C ASN B 17 -42.62 5.05 7.43
N LEU B 18 -42.52 6.16 6.69
CA LEU B 18 -41.21 6.60 6.12
C LEU B 18 -40.17 6.77 7.24
N PRO B 19 -40.49 7.39 8.41
CA PRO B 19 -39.50 7.55 9.49
C PRO B 19 -38.86 6.24 9.98
N LEU B 20 -39.41 5.07 9.66
CA LEU B 20 -38.83 3.75 10.04
C LEU B 20 -37.48 3.52 9.33
N LEU B 21 -37.25 4.18 8.21
CA LEU B 21 -36.00 4.11 7.40
C LEU B 21 -35.01 5.18 7.86
N ASN B 22 -35.43 6.13 8.70
CA ASN B 22 -34.48 7.06 9.37
C ASN B 22 -33.68 6.28 10.44
N THR B 23 -32.79 5.40 9.99
CA THR B 23 -31.85 4.58 10.80
C THR B 23 -30.67 4.24 9.88
N ASP B 24 -29.53 3.83 10.41
CA ASP B 24 -28.39 3.42 9.54
C ASP B 24 -28.48 1.91 9.30
N LYS B 25 -29.46 1.22 9.87
CA LYS B 25 -29.61 -0.26 9.67
C LYS B 25 -31.04 -0.56 9.23
N PRO B 26 -31.47 -0.07 8.03
CA PRO B 26 -32.86 -0.21 7.62
C PRO B 26 -33.27 -1.67 7.36
N VAL B 27 -32.38 -2.49 6.80
CA VAL B 27 -32.63 -3.93 6.52
C VAL B 27 -32.87 -4.65 7.87
N GLN B 28 -31.96 -4.47 8.81
CA GLN B 28 -32.11 -5.07 10.16
C GLN B 28 -33.41 -4.58 10.80
N ALA B 29 -33.76 -3.30 10.60
CA ALA B 29 -35.00 -2.72 11.15
C ALA B 29 -36.21 -3.47 10.54
N LEU B 30 -36.19 -3.69 9.22
CA LEU B 30 -37.32 -4.32 8.51
C LEU B 30 -37.40 -5.81 8.88
N MET B 31 -36.27 -6.45 9.19
CA MET B 31 -36.20 -7.82 9.74
C MET B 31 -36.92 -7.88 11.10
N LYS B 32 -36.62 -6.94 12.00
CA LYS B 32 -37.21 -6.92 13.37
C LYS B 32 -38.72 -6.77 13.22
N ILE B 33 -39.18 -5.93 12.29
CA ILE B 33 -40.63 -5.72 11.99
C ILE B 33 -41.26 -7.02 11.48
N ALA B 34 -40.59 -7.74 10.58
CA ALA B 34 -41.04 -9.05 10.06
C ALA B 34 -41.15 -10.08 11.19
N ASP B 35 -40.20 -10.08 12.13
CA ASP B 35 -40.22 -10.94 13.34
C ASP B 35 -41.47 -10.67 14.18
N GLU B 36 -41.91 -9.41 14.25
CA GLU B 36 -43.09 -9.01 15.08
C GLU B 36 -44.38 -9.31 14.34
N LEU B 37 -44.42 -9.00 13.04
CA LEU B 37 -45.67 -8.92 12.27
C LEU B 37 -45.87 -10.19 11.44
N GLY B 38 -44.79 -10.91 11.11
CA GLY B 38 -44.86 -12.19 10.39
C GLY B 38 -44.58 -12.08 8.89
N GLU B 39 -45.29 -12.87 8.08
CA GLU B 39 -44.79 -13.26 6.75
C GLU B 39 -45.06 -12.15 5.72
N ILE B 40 -45.95 -11.21 6.00
CA ILE B 40 -46.28 -10.11 5.05
C ILE B 40 -46.71 -8.88 5.86
N PHE B 41 -46.22 -7.71 5.48
CA PHE B 41 -46.68 -6.44 6.09
C PHE B 41 -46.62 -5.34 5.03
N LYS B 42 -47.57 -4.42 5.13
CA LYS B 42 -47.69 -3.20 4.31
C LYS B 42 -46.69 -2.16 4.84
N PHE B 43 -46.05 -1.43 3.94
CA PHE B 43 -45.17 -0.29 4.24
C PHE B 43 -45.64 0.85 3.36
N GLU B 44 -46.00 1.98 3.96
CA GLU B 44 -46.43 3.21 3.25
C GLU B 44 -45.36 4.28 3.47
N ALA B 45 -45.08 5.05 2.41
CA ALA B 45 -44.55 6.42 2.49
C ALA B 45 -45.48 7.31 1.66
N PRO B 46 -45.38 8.65 1.78
CA PRO B 46 -46.16 9.53 0.92
C PRO B 46 -45.94 9.20 -0.57
N GLY B 47 -47.00 8.77 -1.25
CA GLY B 47 -47.00 8.43 -2.68
C GLY B 47 -46.39 7.05 -2.95
N ARG B 48 -46.28 6.19 -1.93
CA ARG B 48 -45.68 4.83 -2.10
C ARG B 48 -46.37 3.84 -1.18
N VAL B 49 -46.72 2.66 -1.71
CA VAL B 49 -47.03 1.44 -0.91
C VAL B 49 -46.26 0.25 -1.52
N THR B 50 -45.61 -0.50 -0.66
CA THR B 50 -45.05 -1.84 -0.99
C THR B 50 -45.40 -2.78 0.16
N ARG B 51 -45.19 -4.08 -0.06
CA ARG B 51 -45.52 -5.17 0.89
C ARG B 51 -44.29 -6.05 1.09
N TYR B 52 -43.79 -6.20 2.31
CA TYR B 52 -42.54 -6.94 2.62
C TYR B 52 -42.89 -8.42 2.86
N LEU B 53 -42.39 -9.30 1.98
CA LEU B 53 -42.59 -10.78 2.10
C LEU B 53 -41.37 -11.40 2.78
N SER B 54 -41.61 -12.31 3.72
CA SER B 54 -40.56 -13.00 4.52
C SER B 54 -40.73 -14.52 4.48
N SER B 55 -41.84 -15.06 3.95
CA SER B 55 -42.12 -16.52 4.03
C SER B 55 -41.81 -17.14 2.66
N GLN B 56 -41.27 -18.38 2.67
CA GLN B 56 -41.12 -19.19 1.43
C GLN B 56 -42.52 -19.44 0.84
N ARG B 57 -43.51 -19.68 1.70
CA ARG B 57 -44.95 -19.82 1.34
C ARG B 57 -45.35 -18.75 0.30
N LEU B 58 -45.18 -17.44 0.57
CA LEU B 58 -45.60 -16.39 -0.40
C LEU B 58 -44.51 -16.10 -1.42
N ILE B 59 -43.23 -16.17 -1.05
CA ILE B 59 -42.11 -15.78 -1.94
C ILE B 59 -42.07 -16.74 -3.15
N LYS B 60 -42.43 -18.02 -2.97
CA LYS B 60 -42.42 -19.00 -4.08
C LYS B 60 -43.46 -18.56 -5.10
N GLU B 61 -44.49 -17.82 -4.68
CA GLU B 61 -45.48 -17.27 -5.62
C GLU B 61 -44.88 -16.02 -6.27
N ALA B 62 -44.19 -15.18 -5.50
CA ALA B 62 -43.62 -13.91 -6.00
C ALA B 62 -42.59 -14.22 -7.09
N CYS B 63 -41.96 -15.41 -7.01
CA CYS B 63 -40.89 -15.81 -7.97
C CYS B 63 -41.47 -16.43 -9.25
N ASP B 64 -42.80 -16.44 -9.44
CA ASP B 64 -43.42 -16.92 -10.70
C ASP B 64 -43.33 -15.78 -11.72
N GLU B 65 -42.51 -15.95 -12.76
CA GLU B 65 -42.20 -14.87 -13.72
C GLU B 65 -43.43 -14.57 -14.59
N SER B 66 -44.38 -15.51 -14.71
CA SER B 66 -45.64 -15.25 -15.43
C SER B 66 -46.47 -14.21 -14.66
N ARG B 67 -46.35 -14.15 -13.32
CA ARG B 67 -47.17 -13.24 -12.46
C ARG B 67 -46.41 -11.93 -12.15
N PHE B 68 -45.12 -12.04 -11.80
CA PHE B 68 -44.32 -10.93 -11.22
C PHE B 68 -43.05 -10.71 -12.04
N ASP B 69 -42.74 -9.44 -12.29
CA ASP B 69 -41.46 -8.99 -12.91
C ASP B 69 -40.67 -8.14 -11.91
N LYS B 70 -39.38 -7.91 -12.19
CA LYS B 70 -38.46 -7.08 -11.39
C LYS B 70 -39.01 -5.65 -11.32
N ASN B 71 -39.11 -5.10 -10.13
CA ASN B 71 -39.39 -3.66 -9.92
C ASN B 71 -38.08 -2.94 -9.59
N LEU B 72 -37.96 -1.68 -10.00
CA LEU B 72 -36.92 -0.77 -9.47
C LEU B 72 -37.53 -0.12 -8.23
N SER B 73 -37.08 -0.60 -7.07
CA SER B 73 -37.23 0.01 -5.73
C SER B 73 -36.73 1.47 -5.77
N GLN B 74 -37.04 2.28 -4.76
CA GLN B 74 -36.63 3.70 -4.74
C GLN B 74 -35.10 3.75 -4.75
N ALA B 75 -34.45 2.84 -4.05
CA ALA B 75 -32.98 2.72 -4.00
C ALA B 75 -32.41 2.48 -5.41
N LEU B 76 -33.03 1.60 -6.19
CA LEU B 76 -32.56 1.32 -7.56
C LEU B 76 -32.76 2.57 -8.44
N LYS B 77 -33.90 3.28 -8.32
CA LYS B 77 -34.18 4.53 -9.09
C LYS B 77 -33.06 5.57 -8.83
N PHE B 78 -32.63 5.69 -7.56
CA PHE B 78 -31.52 6.58 -7.08
C PHE B 78 -30.15 6.13 -7.62
N VAL B 79 -29.85 4.83 -7.53
CA VAL B 79 -28.62 4.22 -8.13
C VAL B 79 -28.63 4.45 -9.65
N ARG B 80 -29.78 4.35 -10.31
CA ARG B 80 -29.95 4.55 -11.78
C ARG B 80 -29.45 5.94 -12.26
N ASP B 81 -29.46 6.97 -11.39
CA ASP B 81 -28.89 8.30 -11.75
C ASP B 81 -27.39 8.18 -12.14
N PHE B 82 -26.67 7.09 -11.81
CA PHE B 82 -25.27 6.94 -12.30
C PHE B 82 -25.02 5.56 -12.94
N ALA B 83 -25.83 4.53 -12.64
CA ALA B 83 -25.72 3.16 -13.27
C ALA B 83 -26.57 3.13 -14.54
N GLY B 84 -27.45 4.11 -14.73
CA GLY B 84 -28.19 4.26 -15.99
C GLY B 84 -29.01 3.04 -16.31
N ASP B 85 -29.03 2.68 -17.60
CA ASP B 85 -29.75 1.49 -18.10
C ASP B 85 -28.75 0.35 -18.22
N GLY B 86 -27.79 0.27 -17.29
CA GLY B 86 -27.00 -0.96 -17.04
C GLY B 86 -27.91 -2.12 -16.68
N LEU B 87 -27.39 -3.36 -16.69
CA LEU B 87 -28.20 -4.57 -16.43
C LEU B 87 -29.01 -4.51 -15.12
N PHE B 88 -28.43 -3.98 -14.04
CA PHE B 88 -28.98 -4.02 -12.66
C PHE B 88 -30.11 -2.98 -12.47
N THR B 89 -30.05 -1.85 -13.18
CA THR B 89 -30.99 -0.70 -13.00
C THR B 89 -31.90 -0.49 -14.24
N SER B 90 -31.96 -1.48 -15.12
N SER B 90 -31.93 -1.48 -15.14
CA SER B 90 -32.85 -1.45 -16.30
CA SER B 90 -32.81 -1.51 -16.34
C SER B 90 -34.14 -2.21 -16.00
C SER B 90 -34.13 -2.22 -16.00
N TRP B 91 -35.24 -1.75 -16.58
CA TRP B 91 -36.51 -2.54 -16.62
C TRP B 91 -36.34 -3.66 -17.64
N THR B 92 -37.03 -4.78 -17.41
CA THR B 92 -36.98 -5.99 -18.27
C THR B 92 -37.41 -5.61 -19.70
N HIS B 93 -38.37 -4.67 -19.82
CA HIS B 93 -38.95 -4.24 -21.13
C HIS B 93 -38.07 -3.20 -21.84
N GLU B 94 -37.03 -2.67 -21.20
CA GLU B 94 -36.10 -1.73 -21.89
C GLU B 94 -35.25 -2.55 -22.86
N LYS B 95 -35.20 -2.11 -24.12
CA LYS B 95 -34.43 -2.71 -25.25
C LYS B 95 -33.01 -3.04 -24.81
N ASN B 96 -32.37 -2.17 -24.03
CA ASN B 96 -30.97 -2.38 -23.58
C ASN B 96 -30.83 -3.50 -22.53
N TRP B 97 -31.90 -3.96 -21.86
CA TRP B 97 -31.76 -5.03 -20.83
C TRP B 97 -31.47 -6.36 -21.54
N LYS B 98 -32.36 -6.79 -22.44
CA LYS B 98 -32.28 -8.11 -23.15
C LYS B 98 -31.06 -8.06 -24.07
N LYS B 99 -30.84 -6.94 -24.78
CA LYS B 99 -29.62 -6.74 -25.62
C LYS B 99 -28.31 -6.95 -24.82
N ALA B 100 -28.07 -6.17 -23.75
CA ALA B 100 -26.85 -6.30 -22.92
C ALA B 100 -26.81 -7.70 -22.29
N HIS B 101 -27.96 -8.24 -21.88
CA HIS B 101 -28.11 -9.57 -21.27
C HIS B 101 -27.59 -10.62 -22.25
N ASN B 102 -28.02 -10.55 -23.50
CA ASN B 102 -27.63 -11.56 -24.54
C ASN B 102 -26.14 -11.41 -24.86
N ILE B 103 -25.65 -10.18 -24.90
CA ILE B 103 -24.24 -9.90 -25.30
C ILE B 103 -23.31 -10.37 -24.18
N LEU B 104 -23.71 -10.24 -22.91
CA LEU B 104 -22.81 -10.45 -21.75
C LEU B 104 -22.96 -11.84 -21.10
N LEU B 105 -24.02 -12.61 -21.34
CA LEU B 105 -24.17 -13.93 -20.66
C LEU B 105 -22.95 -14.80 -20.91
N PRO B 106 -22.36 -14.85 -22.14
CA PRO B 106 -21.21 -15.73 -22.38
C PRO B 106 -19.91 -15.22 -21.70
N SER B 107 -19.90 -13.97 -21.24
CA SER B 107 -18.80 -13.34 -20.46
C SER B 107 -18.85 -13.82 -19.01
N PHE B 108 -19.99 -14.34 -18.55
CA PHE B 108 -20.23 -14.58 -17.10
C PHE B 108 -20.45 -16.05 -16.84
N SER B 109 -20.22 -16.90 -17.84
CA SER B 109 -20.58 -18.33 -17.76
C SER B 109 -19.51 -19.10 -16.99
N GLN B 110 -19.82 -20.32 -16.56
CA GLN B 110 -18.81 -21.22 -15.95
C GLN B 110 -17.60 -21.30 -16.90
N GLN B 111 -17.81 -21.39 -18.21
CA GLN B 111 -16.72 -21.52 -19.22
C GLN B 111 -15.84 -20.26 -19.27
N ALA B 112 -16.41 -19.07 -19.11
CA ALA B 112 -15.69 -17.78 -19.13
C ALA B 112 -14.74 -17.70 -17.92
N MET B 113 -15.08 -18.40 -16.85
CA MET B 113 -14.34 -18.35 -15.56
C MET B 113 -12.94 -18.95 -15.74
N LYS B 114 -12.79 -19.98 -16.58
CA LYS B 114 -11.47 -20.58 -16.89
C LYS B 114 -10.53 -19.47 -17.35
N GLY B 115 -11.02 -18.56 -18.19
CA GLY B 115 -10.26 -17.42 -18.73
C GLY B 115 -9.98 -16.38 -17.64
N TYR B 116 -10.91 -16.19 -16.69
CA TYR B 116 -10.72 -15.17 -15.61
C TYR B 116 -9.82 -15.70 -14.50
N HIS B 117 -9.68 -17.03 -14.39
CA HIS B 117 -9.08 -17.73 -13.22
C HIS B 117 -7.71 -17.14 -12.92
N ALA B 118 -6.84 -17.04 -13.93
CA ALA B 118 -5.43 -16.61 -13.73
C ALA B 118 -5.38 -15.21 -13.12
N MET B 119 -6.19 -14.29 -13.60
CA MET B 119 -6.19 -12.89 -13.06
C MET B 119 -6.77 -12.90 -11.64
N MET B 120 -7.72 -13.77 -11.32
CA MET B 120 -8.25 -13.92 -9.95
C MET B 120 -7.13 -14.43 -9.03
N VAL B 121 -6.36 -15.43 -9.47
CA VAL B 121 -5.19 -15.96 -8.72
C VAL B 121 -4.17 -14.87 -8.44
N ASP B 122 -3.94 -13.97 -9.40
CA ASP B 122 -2.98 -12.83 -9.26
C ASP B 122 -3.36 -12.01 -8.03
N ILE B 123 -4.65 -11.65 -7.88
CA ILE B 123 -5.07 -10.79 -6.73
C ILE B 123 -5.10 -11.61 -5.43
N ALA B 124 -5.66 -12.82 -5.46
CA ALA B 124 -5.70 -13.75 -4.31
C ALA B 124 -4.28 -13.95 -3.74
N VAL B 125 -3.29 -14.17 -4.60
CA VAL B 125 -1.86 -14.31 -4.20
C VAL B 125 -1.42 -13.00 -3.52
N GLN B 126 -1.76 -11.85 -4.08
CA GLN B 126 -1.43 -10.55 -3.42
C GLN B 126 -2.00 -10.54 -1.99
N LEU B 127 -3.23 -11.03 -1.78
CA LEU B 127 -3.84 -11.05 -0.42
C LEU B 127 -3.05 -11.97 0.51
N VAL B 128 -2.74 -13.21 0.09
CA VAL B 128 -1.99 -14.17 0.93
C VAL B 128 -0.64 -13.52 1.26
N GLN B 129 0.05 -12.92 0.29
CA GLN B 129 1.40 -12.36 0.52
C GLN B 129 1.31 -11.22 1.56
N LYS B 130 0.34 -10.33 1.44
CA LYS B 130 0.10 -9.29 2.49
C LYS B 130 0.05 -9.94 3.90
N TRP B 131 -0.82 -10.94 4.11
CA TRP B 131 -1.05 -11.54 5.44
C TRP B 131 0.19 -12.31 5.88
N GLU B 132 0.94 -12.92 4.96
CA GLU B 132 2.21 -13.63 5.29
C GLU B 132 3.23 -12.63 5.87
N ARG B 133 3.11 -11.35 5.51
CA ARG B 133 4.16 -10.33 5.75
C ARG B 133 3.77 -9.46 6.93
N LEU B 134 2.63 -9.74 7.58
CA LEU B 134 2.27 -9.02 8.83
C LEU B 134 3.20 -9.47 9.95
N ASN B 135 3.41 -8.58 10.90
CA ASN B 135 4.28 -8.86 12.07
C ASN B 135 3.42 -9.50 13.16
N ALA B 136 4.04 -10.16 14.14
N ALA B 136 4.06 -10.20 14.10
CA ALA B 136 3.35 -10.92 15.21
CA ALA B 136 3.41 -10.83 15.27
C ALA B 136 2.29 -10.04 15.88
C ALA B 136 2.58 -9.77 15.98
N ASP B 137 2.63 -8.77 16.15
N ASP B 137 1.34 -10.12 16.33
CA ASP B 137 1.80 -7.85 16.98
CA ASP B 137 0.44 -9.28 17.16
C ASP B 137 0.51 -7.49 16.25
C ASP B 137 0.06 -8.04 16.36
N GLU B 138 0.45 -7.74 14.93
N GLU B 138 0.25 -8.08 15.04
CA GLU B 138 -0.60 -7.15 14.04
CA GLU B 138 -0.57 -7.32 14.07
C GLU B 138 -1.77 -8.10 13.80
C GLU B 138 -1.79 -8.17 13.75
N HIS B 139 -2.88 -7.53 13.33
CA HIS B 139 -4.15 -8.23 13.00
C HIS B 139 -4.60 -7.77 11.60
N ILE B 140 -5.69 -8.37 11.14
CA ILE B 140 -6.27 -8.20 9.77
C ILE B 140 -7.60 -7.48 9.89
N GLU B 141 -7.79 -6.39 9.14
CA GLU B 141 -9.09 -5.71 9.00
C GLU B 141 -9.83 -6.41 7.85
N VAL B 142 -10.76 -7.32 8.19
CA VAL B 142 -11.31 -8.33 7.25
C VAL B 142 -12.06 -7.66 6.09
N PRO B 143 -13.14 -6.86 6.29
CA PRO B 143 -13.88 -6.35 5.15
C PRO B 143 -13.03 -5.38 4.30
N GLU B 144 -12.12 -4.66 4.95
CA GLU B 144 -11.15 -3.77 4.26
C GLU B 144 -10.36 -4.60 3.26
N ASP B 145 -9.77 -5.71 3.69
CA ASP B 145 -8.88 -6.53 2.83
C ASP B 145 -9.72 -7.28 1.81
N MET B 146 -10.92 -7.75 2.18
CA MET B 146 -11.80 -8.44 1.21
C MET B 146 -12.22 -7.47 0.11
N THR B 147 -12.39 -6.18 0.41
CA THR B 147 -12.80 -5.17 -0.58
C THR B 147 -11.63 -4.82 -1.51
N ARG B 148 -10.41 -4.70 -0.97
CA ARG B 148 -9.18 -4.54 -1.77
C ARG B 148 -9.14 -5.68 -2.80
N LEU B 149 -9.34 -6.91 -2.33
CA LEU B 149 -9.32 -8.12 -3.22
C LEU B 149 -10.41 -8.03 -4.29
N THR B 150 -11.68 -7.85 -3.92
CA THR B 150 -12.80 -7.99 -4.89
C THR B 150 -12.76 -6.84 -5.92
N LEU B 151 -12.51 -5.60 -5.47
CA LEU B 151 -12.31 -4.43 -6.37
C LEU B 151 -11.20 -4.75 -7.37
N ASP B 152 -10.06 -5.28 -6.93
CA ASP B 152 -8.90 -5.47 -7.84
C ASP B 152 -9.25 -6.57 -8.86
N THR B 153 -10.01 -7.59 -8.45
CA THR B 153 -10.38 -8.72 -9.34
C THR B 153 -11.30 -8.22 -10.46
N ILE B 154 -12.31 -7.40 -10.16
CA ILE B 154 -13.27 -6.92 -11.20
C ILE B 154 -12.54 -5.94 -12.11
N GLY B 155 -11.62 -5.13 -11.57
CA GLY B 155 -10.81 -4.22 -12.39
C GLY B 155 -10.00 -5.01 -13.39
N LEU B 156 -9.34 -6.05 -12.91
CA LEU B 156 -8.38 -6.84 -13.72
C LEU B 156 -9.17 -7.72 -14.69
N CYS B 157 -9.90 -8.74 -14.20
CA CYS B 157 -10.72 -9.69 -15.01
C CYS B 157 -11.63 -8.91 -15.97
N GLY B 158 -12.09 -7.72 -15.59
CA GLY B 158 -13.12 -6.93 -16.31
C GLY B 158 -12.63 -6.00 -17.43
N PHE B 159 -11.61 -5.20 -17.13
N PHE B 159 -11.72 -5.05 -17.17
CA PHE B 159 -11.17 -4.06 -17.97
CA PHE B 159 -11.15 -4.20 -18.25
C PHE B 159 -9.64 -4.00 -18.07
C PHE B 159 -9.64 -4.00 -18.07
N ASN B 160 -8.95 -5.04 -17.58
CA ASN B 160 -7.46 -5.13 -17.58
C ASN B 160 -6.85 -3.88 -16.93
N TYR B 161 -7.45 -3.37 -15.86
CA TYR B 161 -6.99 -2.20 -15.07
C TYR B 161 -6.65 -2.64 -13.64
N ARG B 162 -5.48 -2.26 -13.14
CA ARG B 162 -5.08 -2.57 -11.74
C ARG B 162 -5.43 -1.39 -10.85
N PHE B 163 -6.40 -1.56 -9.95
CA PHE B 163 -6.65 -0.55 -8.90
C PHE B 163 -5.45 -0.56 -7.93
N ASN B 164 -4.68 -1.65 -7.88
CA ASN B 164 -3.54 -1.77 -6.92
C ASN B 164 -3.99 -1.45 -5.47
N SER B 165 -5.07 -2.07 -4.97
CA SER B 165 -5.69 -1.75 -3.64
C SER B 165 -4.75 -2.13 -2.48
N PHE B 166 -3.88 -3.13 -2.66
CA PHE B 166 -2.95 -3.61 -1.62
C PHE B 166 -1.71 -2.70 -1.53
N TYR B 167 -1.57 -1.71 -2.41
CA TYR B 167 -0.46 -0.71 -2.42
C TYR B 167 -0.92 0.57 -1.72
N ARG B 168 -2.19 0.65 -1.30
CA ARG B 168 -2.81 1.94 -0.87
C ARG B 168 -3.58 1.78 0.44
N ASP B 169 -3.68 2.86 1.21
CA ASP B 169 -4.72 3.09 2.25
C ASP B 169 -5.72 4.14 1.74
N GLN B 170 -5.42 4.84 0.62
CA GLN B 170 -6.24 5.94 0.06
C GLN B 170 -6.83 5.53 -1.30
N PRO B 171 -8.17 5.39 -1.41
CA PRO B 171 -8.81 4.90 -2.64
C PRO B 171 -8.72 5.81 -3.87
N HIS B 172 -8.76 5.17 -5.04
CA HIS B 172 -8.87 5.73 -6.40
C HIS B 172 -9.91 6.84 -6.46
N PRO B 173 -9.69 7.93 -7.23
CA PRO B 173 -10.67 9.03 -7.34
C PRO B 173 -12.05 8.51 -7.82
N PHE B 174 -12.05 7.48 -8.67
CA PHE B 174 -13.30 6.84 -9.14
C PHE B 174 -14.06 6.28 -7.93
N ILE B 175 -13.37 5.60 -6.99
CA ILE B 175 -13.99 4.87 -5.84
C ILE B 175 -14.51 5.89 -4.81
N THR B 176 -13.72 6.89 -4.45
N THR B 176 -13.74 6.92 -4.46
CA THR B 176 -14.18 7.99 -3.55
CA THR B 176 -14.20 7.99 -3.51
C THR B 176 -15.53 8.47 -4.07
C THR B 176 -15.52 8.57 -4.04
N SER B 177 -15.59 8.92 -5.33
CA SER B 177 -16.83 9.42 -6.00
C SER B 177 -17.95 8.36 -5.96
N MET B 178 -17.64 7.09 -6.29
CA MET B 178 -18.64 5.99 -6.42
C MET B 178 -19.21 5.67 -5.03
N VAL B 179 -18.34 5.62 -4.01
CA VAL B 179 -18.76 5.35 -2.60
C VAL B 179 -19.64 6.52 -2.12
N ARG B 180 -19.36 7.76 -2.55
CA ARG B 180 -20.09 8.95 -2.00
C ARG B 180 -21.46 9.08 -2.68
N ALA B 181 -21.54 8.66 -3.95
CA ALA B 181 -22.78 8.59 -4.74
C ALA B 181 -23.70 7.51 -4.15
N LEU B 182 -23.16 6.32 -3.86
CA LEU B 182 -23.89 5.22 -3.19
C LEU B 182 -24.43 5.71 -1.84
N ASP B 183 -23.61 6.40 -1.06
CA ASP B 183 -23.97 6.84 0.30
C ASP B 183 -25.17 7.79 0.20
N GLU B 184 -25.12 8.76 -0.73
CA GLU B 184 -26.20 9.72 -0.97
C GLU B 184 -27.45 8.98 -1.48
N ALA B 185 -27.30 7.95 -2.31
CA ALA B 185 -28.46 7.16 -2.81
C ALA B 185 -29.19 6.56 -1.60
N MET B 186 -28.44 5.96 -0.67
CA MET B 186 -29.02 5.32 0.54
C MET B 186 -29.59 6.40 1.48
N ASN B 187 -28.85 7.48 1.69
N ASN B 187 -28.84 7.49 1.69
CA ASN B 187 -29.22 8.58 2.63
CA ASN B 187 -29.23 8.59 2.62
C ASN B 187 -30.52 9.25 2.15
C ASN B 187 -30.55 9.21 2.15
N LYS B 188 -30.80 9.20 0.84
CA LYS B 188 -31.99 9.86 0.23
C LYS B 188 -33.28 9.10 0.56
N LEU B 189 -33.20 7.81 0.90
CA LEU B 189 -34.36 6.91 1.16
C LEU B 189 -35.26 7.47 2.28
N GLN B 190 -34.69 8.11 3.29
CA GLN B 190 -35.43 8.61 4.50
C GLN B 190 -35.83 10.09 4.41
N ARG B 191 -35.58 10.78 3.29
CA ARG B 191 -35.75 12.26 3.17
C ARG B 191 -37.21 12.60 2.85
N ALA B 192 -38.01 12.94 3.87
CA ALA B 192 -39.42 13.39 3.79
C ALA B 192 -39.58 14.51 2.74
N ASN B 193 -38.70 15.51 2.78
CA ASN B 193 -38.58 16.52 1.69
C ASN B 193 -37.11 16.62 1.27
N PRO B 194 -36.69 15.89 0.23
CA PRO B 194 -35.34 16.00 -0.34
C PRO B 194 -35.15 17.36 -1.02
N ASP B 195 -36.27 17.98 -1.39
CA ASP B 195 -36.37 19.40 -1.80
C ASP B 195 -36.50 20.22 -0.52
N ASP B 196 -35.36 20.46 0.13
CA ASP B 196 -35.17 21.47 1.21
C ASP B 196 -33.75 21.98 1.06
N PRO B 197 -33.50 23.31 1.16
CA PRO B 197 -32.17 23.90 0.93
C PRO B 197 -30.96 23.22 1.59
N ALA B 198 -31.15 22.58 2.76
CA ALA B 198 -30.10 21.93 3.58
C ALA B 198 -29.51 20.70 2.86
N TYR B 199 -30.08 20.29 1.73
CA TYR B 199 -29.65 19.13 0.92
C TYR B 199 -28.91 19.59 -0.34
N ASP B 200 -28.72 20.91 -0.52
CA ASP B 200 -28.19 21.49 -1.79
C ASP B 200 -26.72 21.13 -1.97
N GLU B 201 -25.94 21.03 -0.88
CA GLU B 201 -24.54 20.52 -0.88
C GLU B 201 -24.55 19.08 -1.44
N ASN B 202 -25.39 18.21 -0.85
CA ASN B 202 -25.60 16.81 -1.28
C ASN B 202 -25.79 16.70 -2.80
N LYS B 203 -26.67 17.53 -3.39
CA LYS B 203 -27.06 17.47 -4.83
C LYS B 203 -25.91 17.99 -5.75
N ARG B 204 -25.25 19.10 -5.37
CA ARG B 204 -24.09 19.63 -6.14
C ARG B 204 -22.95 18.59 -6.07
N GLN B 205 -22.81 17.90 -4.93
CA GLN B 205 -21.75 16.88 -4.71
C GLN B 205 -22.07 15.60 -5.50
N PHE B 206 -23.32 15.17 -5.48
CA PHE B 206 -23.82 14.04 -6.29
C PHE B 206 -23.51 14.30 -7.77
N GLN B 207 -23.87 15.50 -8.29
CA GLN B 207 -23.68 15.82 -9.73
C GLN B 207 -22.17 15.83 -10.05
N GLU B 208 -21.35 16.36 -9.13
CA GLU B 208 -19.86 16.27 -9.17
C GLU B 208 -19.41 14.81 -9.34
N ASP B 209 -19.89 13.90 -8.47
CA ASP B 209 -19.45 12.48 -8.42
C ASP B 209 -19.97 11.70 -9.63
N ILE B 210 -21.22 11.94 -10.06
CA ILE B 210 -21.71 11.33 -11.33
C ILE B 210 -20.73 11.74 -12.45
N LYS B 211 -20.47 13.05 -12.58
CA LYS B 211 -19.56 13.59 -13.62
C LYS B 211 -18.20 12.87 -13.58
N VAL B 212 -17.64 12.60 -12.38
CA VAL B 212 -16.29 11.98 -12.19
C VAL B 212 -16.27 10.52 -12.69
N MET B 213 -17.27 9.72 -12.33
CA MET B 213 -17.36 8.30 -12.77
C MET B 213 -17.56 8.29 -14.29
N ASN B 214 -18.40 9.18 -14.82
CA ASN B 214 -18.79 9.18 -16.26
C ASN B 214 -17.58 9.54 -17.13
N ASP B 215 -16.75 10.50 -16.67
CA ASP B 215 -15.55 11.04 -17.38
C ASP B 215 -14.39 10.04 -17.32
N LEU B 216 -14.14 9.40 -16.18
CA LEU B 216 -13.06 8.38 -16.04
C LEU B 216 -13.41 7.11 -16.85
N VAL B 217 -14.67 6.66 -16.85
CA VAL B 217 -15.05 5.42 -17.58
C VAL B 217 -15.06 5.74 -19.08
N ASP B 218 -15.56 6.93 -19.43
CA ASP B 218 -15.68 7.37 -20.85
C ASP B 218 -14.30 7.35 -21.49
N LYS B 219 -13.27 7.76 -20.73
CA LYS B 219 -11.86 7.83 -21.20
C LYS B 219 -11.24 6.43 -21.34
N ILE B 220 -11.60 5.48 -20.47
N ILE B 220 -11.60 5.46 -20.49
CA ILE B 220 -11.09 4.06 -20.56
CA ILE B 220 -11.05 4.07 -20.58
C ILE B 220 -11.59 3.45 -21.87
C ILE B 220 -11.60 3.41 -21.84
N ILE B 221 -12.88 3.66 -22.18
CA ILE B 221 -13.56 3.15 -23.40
C ILE B 221 -12.84 3.68 -24.65
N ALA B 222 -12.69 5.00 -24.75
CA ALA B 222 -11.92 5.70 -25.82
C ALA B 222 -10.51 5.09 -25.92
N ASP B 223 -9.70 5.20 -24.85
CA ASP B 223 -8.32 4.65 -24.71
C ASP B 223 -8.22 3.25 -25.31
N ARG B 224 -9.14 2.37 -24.94
CA ARG B 224 -9.12 0.97 -25.39
C ARG B 224 -9.26 0.93 -26.91
N LYS B 225 -10.29 1.60 -27.45
CA LYS B 225 -10.69 1.63 -28.88
C LYS B 225 -9.53 2.11 -29.78
N ALA B 226 -8.75 3.09 -29.31
CA ALA B 226 -7.63 3.75 -30.04
C ALA B 226 -6.40 2.82 -30.03
N SER B 227 -5.95 2.41 -28.84
CA SER B 227 -4.88 1.40 -28.62
C SER B 227 -5.09 0.19 -29.54
N GLY B 228 -6.36 -0.24 -29.68
CA GLY B 228 -6.82 -1.34 -30.54
C GLY B 228 -6.63 -2.71 -29.89
N GLU B 229 -6.15 -2.72 -28.64
CA GLU B 229 -5.80 -3.92 -27.82
C GLU B 229 -6.98 -4.90 -27.72
N GLN B 230 -6.75 -6.19 -27.92
CA GLN B 230 -7.82 -7.22 -27.84
C GLN B 230 -7.60 -8.08 -26.59
N SER B 231 -7.30 -7.44 -25.47
CA SER B 231 -7.32 -8.05 -24.11
C SER B 231 -8.64 -8.79 -23.94
N ASP B 232 -8.62 -10.01 -23.38
CA ASP B 232 -9.85 -10.80 -23.16
C ASP B 232 -10.45 -10.38 -21.81
N ASP B 233 -11.38 -9.45 -21.86
CA ASP B 233 -11.97 -8.85 -20.65
C ASP B 233 -13.38 -8.36 -21.05
N LEU B 234 -14.17 -7.96 -20.06
CA LEU B 234 -15.60 -7.59 -20.25
C LEU B 234 -15.67 -6.49 -21.30
N LEU B 235 -14.72 -5.57 -21.26
CA LEU B 235 -14.68 -4.37 -22.13
C LEU B 235 -14.53 -4.82 -23.60
N THR B 236 -13.68 -5.81 -23.88
CA THR B 236 -13.48 -6.35 -25.25
C THR B 236 -14.81 -6.93 -25.73
N HIS B 237 -15.38 -7.85 -24.97
CA HIS B 237 -16.64 -8.56 -25.32
C HIS B 237 -17.71 -7.51 -25.62
N MET B 238 -17.79 -6.44 -24.82
CA MET B 238 -18.80 -5.37 -25.01
C MET B 238 -18.47 -4.53 -26.25
N LEU B 239 -17.20 -4.25 -26.51
CA LEU B 239 -16.76 -3.44 -27.67
C LEU B 239 -16.89 -4.29 -28.95
N ASN B 240 -16.83 -5.62 -28.85
CA ASN B 240 -16.86 -6.49 -30.06
C ASN B 240 -18.21 -7.19 -30.23
N GLY B 241 -18.96 -7.41 -29.15
CA GLY B 241 -20.12 -8.33 -29.14
C GLY B 241 -21.31 -7.81 -29.93
N LYS B 242 -21.99 -8.69 -30.65
CA LYS B 242 -23.27 -8.36 -31.31
C LYS B 242 -24.38 -9.14 -30.60
N ASP B 243 -25.52 -8.50 -30.40
CA ASP B 243 -26.72 -9.16 -29.84
C ASP B 243 -27.26 -10.10 -30.90
N PRO B 244 -27.28 -11.43 -30.70
CA PRO B 244 -27.71 -12.36 -31.76
C PRO B 244 -29.16 -12.11 -32.21
N GLU B 245 -29.99 -11.50 -31.36
CA GLU B 245 -31.38 -11.13 -31.68
C GLU B 245 -31.35 -9.96 -32.68
N THR B 246 -31.02 -8.76 -32.21
CA THR B 246 -31.01 -7.52 -33.01
C THR B 246 -29.86 -7.53 -34.03
N GLY B 247 -28.78 -8.29 -33.78
CA GLY B 247 -27.54 -8.19 -34.59
C GLY B 247 -26.76 -6.90 -34.30
N GLU B 248 -27.24 -6.06 -33.37
CA GLU B 248 -26.61 -4.78 -32.95
C GLU B 248 -25.65 -4.96 -31.77
N PRO B 249 -24.53 -4.18 -31.72
CA PRO B 249 -23.69 -4.10 -30.53
C PRO B 249 -24.20 -3.05 -29.53
N LEU B 250 -23.64 -3.03 -28.31
CA LEU B 250 -23.92 -1.99 -27.27
C LEU B 250 -23.28 -0.70 -27.74
N ASP B 251 -23.93 0.43 -27.48
CA ASP B 251 -23.42 1.80 -27.75
C ASP B 251 -22.55 2.21 -26.56
N ASP B 252 -21.61 3.16 -26.77
CA ASP B 252 -20.56 3.55 -25.78
C ASP B 252 -21.20 4.10 -24.51
N GLU B 253 -22.35 4.76 -24.64
CA GLU B 253 -23.14 5.27 -23.50
C GLU B 253 -23.50 4.07 -22.62
N ASN B 254 -24.12 3.05 -23.20
CA ASN B 254 -24.60 1.87 -22.42
C ASN B 254 -23.41 1.08 -21.86
N ILE B 255 -22.28 1.00 -22.58
CA ILE B 255 -21.05 0.29 -22.10
C ILE B 255 -20.52 0.98 -20.84
N ARG B 256 -20.41 2.30 -20.87
CA ARG B 256 -20.03 3.07 -19.66
C ARG B 256 -20.93 2.65 -18.48
N TYR B 257 -22.25 2.62 -18.67
CA TYR B 257 -23.21 2.22 -17.60
C TYR B 257 -22.94 0.78 -17.17
N GLN B 258 -22.70 -0.15 -18.10
CA GLN B 258 -22.28 -1.51 -17.70
C GLN B 258 -21.01 -1.46 -16.86
N ILE B 259 -19.97 -0.70 -17.25
CA ILE B 259 -18.68 -0.72 -16.51
C ILE B 259 -18.91 -0.23 -15.07
N ILE B 260 -19.56 0.92 -14.92
CA ILE B 260 -19.92 1.47 -13.57
C ILE B 260 -20.66 0.40 -12.76
N THR B 261 -21.68 -0.28 -13.34
CA THR B 261 -22.48 -1.33 -12.66
C THR B 261 -21.56 -2.43 -12.12
N PHE B 262 -20.70 -2.99 -12.97
CA PHE B 262 -19.81 -4.11 -12.60
C PHE B 262 -18.79 -3.72 -11.53
N LEU B 263 -18.23 -2.51 -11.61
CA LEU B 263 -17.29 -2.01 -10.56
C LEU B 263 -18.03 -1.92 -9.23
N ILE B 264 -19.25 -1.41 -9.20
CA ILE B 264 -20.04 -1.33 -7.94
C ILE B 264 -20.34 -2.75 -7.47
N ALA B 265 -20.78 -3.62 -8.35
CA ALA B 265 -20.96 -5.04 -7.98
C ALA B 265 -19.64 -5.55 -7.39
N GLY B 266 -18.51 -5.23 -8.02
CA GLY B 266 -17.18 -5.77 -7.65
C GLY B 266 -16.64 -5.26 -6.31
N HIS B 267 -17.01 -4.04 -5.89
CA HIS B 267 -16.66 -3.43 -4.58
C HIS B 267 -17.53 -3.93 -3.42
N GLU B 268 -18.81 -4.22 -3.66
CA GLU B 268 -19.84 -4.21 -2.59
C GLU B 268 -20.14 -5.63 -2.11
N THR B 269 -20.40 -6.56 -3.04
CA THR B 269 -21.20 -7.78 -2.74
C THR B 269 -20.29 -8.93 -2.37
N THR B 270 -19.40 -9.36 -3.27
CA THR B 270 -18.50 -10.51 -2.99
C THR B 270 -17.67 -10.24 -1.73
N SER B 271 -17.21 -9.00 -1.49
CA SER B 271 -16.40 -8.64 -0.30
C SER B 271 -17.19 -8.99 0.98
N GLY B 272 -18.48 -8.67 0.99
CA GLY B 272 -19.40 -8.97 2.13
C GLY B 272 -19.46 -10.47 2.39
N LEU B 273 -19.73 -11.24 1.35
CA LEU B 273 -19.85 -12.72 1.47
C LEU B 273 -18.58 -13.27 2.13
N LEU B 274 -17.40 -12.86 1.65
CA LEU B 274 -16.10 -13.35 2.20
C LEU B 274 -15.96 -12.94 3.66
N SER B 275 -16.36 -11.71 3.99
CA SER B 275 -16.28 -11.18 5.34
C SER B 275 -17.19 -12.01 6.27
N PHE B 276 -18.45 -12.23 5.87
CA PHE B 276 -19.41 -13.02 6.68
C PHE B 276 -18.94 -14.47 6.79
N ALA B 277 -18.43 -15.03 5.70
CA ALA B 277 -17.95 -16.44 5.63
C ALA B 277 -16.87 -16.66 6.69
N LEU B 278 -15.82 -15.82 6.71
CA LEU B 278 -14.70 -15.95 7.68
C LEU B 278 -15.22 -15.70 9.10
N TYR B 279 -16.10 -14.72 9.28
CA TYR B 279 -16.72 -14.45 10.59
C TYR B 279 -17.39 -15.74 11.08
N PHE B 280 -18.18 -16.42 10.23
CA PHE B 280 -18.90 -17.62 10.69
C PHE B 280 -17.87 -18.75 10.95
N LEU B 281 -16.82 -18.87 10.14
CA LEU B 281 -15.80 -19.91 10.37
C LEU B 281 -15.13 -19.66 11.74
N VAL B 282 -14.75 -18.42 12.06
CA VAL B 282 -14.04 -18.14 13.34
C VAL B 282 -15.00 -18.35 14.53
N LYS B 283 -16.32 -18.16 14.36
CA LYS B 283 -17.34 -18.37 15.42
C LYS B 283 -17.68 -19.88 15.59
N ASN B 284 -17.34 -20.73 14.64
CA ASN B 284 -17.78 -22.16 14.61
C ASN B 284 -16.57 -23.03 14.31
N PRO B 285 -15.60 -23.18 15.25
CA PRO B 285 -14.30 -23.73 14.89
C PRO B 285 -14.35 -25.13 14.25
N HIS B 286 -15.38 -25.93 14.55
CA HIS B 286 -15.56 -27.31 13.99
C HIS B 286 -15.82 -27.23 12.48
N VAL B 287 -16.61 -26.24 12.05
CA VAL B 287 -16.83 -25.96 10.59
C VAL B 287 -15.48 -25.53 9.97
N LEU B 288 -14.76 -24.58 10.60
CA LEU B 288 -13.46 -24.02 10.12
C LEU B 288 -12.51 -25.20 9.88
N GLN B 289 -12.22 -25.95 10.94
CA GLN B 289 -11.50 -27.25 10.93
C GLN B 289 -11.86 -28.09 9.70
N LYS B 290 -13.15 -28.38 9.45
CA LYS B 290 -13.61 -29.28 8.34
C LYS B 290 -13.29 -28.63 6.98
N ALA B 291 -13.51 -27.32 6.82
CA ALA B 291 -13.13 -26.60 5.57
C ALA B 291 -11.60 -26.50 5.43
N ALA B 292 -10.85 -26.24 6.50
CA ALA B 292 -9.36 -26.26 6.50
C ALA B 292 -8.88 -27.61 5.92
N GLU B 293 -9.48 -28.70 6.39
CA GLU B 293 -9.08 -30.08 5.96
C GLU B 293 -9.28 -30.21 4.45
N GLU B 294 -10.38 -29.68 3.85
CA GLU B 294 -10.64 -29.82 2.38
C GLU B 294 -9.64 -28.98 1.58
N ALA B 295 -9.40 -27.71 1.95
CA ALA B 295 -8.38 -26.83 1.31
C ALA B 295 -7.05 -27.57 1.21
N ALA B 296 -6.62 -28.21 2.29
CA ALA B 296 -5.31 -28.91 2.36
C ALA B 296 -5.32 -30.11 1.41
N ARG B 297 -6.39 -30.89 1.42
CA ARG B 297 -6.51 -32.15 0.62
C ARG B 297 -6.62 -31.83 -0.87
N VAL B 298 -7.33 -30.76 -1.25
CA VAL B 298 -7.57 -30.38 -2.68
C VAL B 298 -6.44 -29.49 -3.22
N LEU B 299 -6.03 -28.43 -2.50
CA LEU B 299 -5.12 -27.38 -3.02
C LEU B 299 -3.66 -27.81 -2.85
N VAL B 300 -3.20 -28.76 -3.68
CA VAL B 300 -1.88 -29.44 -3.52
C VAL B 300 -0.82 -28.78 -4.39
N ASP B 301 -1.17 -27.69 -5.10
CA ASP B 301 -0.24 -26.92 -5.95
C ASP B 301 -0.11 -25.52 -5.34
N PRO B 302 1.07 -24.89 -5.46
CA PRO B 302 1.29 -23.56 -4.91
C PRO B 302 0.31 -22.50 -5.41
N VAL B 303 -0.13 -22.67 -6.67
CA VAL B 303 -1.19 -21.89 -7.39
C VAL B 303 -2.39 -22.83 -7.53
N PRO B 304 -3.59 -22.53 -6.96
CA PRO B 304 -4.78 -23.34 -7.24
C PRO B 304 -5.14 -23.23 -8.72
N SER B 305 -5.68 -24.31 -9.29
CA SER B 305 -6.16 -24.37 -10.69
C SER B 305 -7.69 -24.27 -10.69
N TYR B 306 -8.27 -23.96 -11.83
CA TYR B 306 -9.74 -23.91 -12.04
C TYR B 306 -10.40 -25.21 -11.58
N LYS B 307 -9.90 -26.39 -11.96
CA LYS B 307 -10.58 -27.67 -11.61
C LYS B 307 -10.50 -27.90 -10.10
N GLN B 308 -9.39 -27.53 -9.47
CA GLN B 308 -9.21 -27.60 -8.01
C GLN B 308 -10.32 -26.78 -7.36
N VAL B 309 -10.54 -25.55 -7.80
CA VAL B 309 -11.63 -24.70 -7.22
C VAL B 309 -12.97 -25.44 -7.32
N LYS B 310 -13.23 -26.09 -8.45
CA LYS B 310 -14.50 -26.83 -8.65
C LYS B 310 -14.60 -27.96 -7.59
N GLN B 311 -13.50 -28.45 -7.02
CA GLN B 311 -13.48 -29.59 -6.05
C GLN B 311 -13.61 -29.12 -4.59
N LEU B 312 -13.61 -27.81 -4.34
CA LEU B 312 -13.76 -27.26 -2.98
C LEU B 312 -15.26 -27.22 -2.62
N LYS B 313 -15.84 -28.41 -2.50
CA LYS B 313 -17.29 -28.65 -2.26
C LYS B 313 -17.73 -28.10 -0.90
N TYR B 314 -17.03 -28.44 0.18
CA TYR B 314 -17.38 -28.00 1.54
C TYR B 314 -17.17 -26.48 1.60
N VAL B 315 -16.16 -25.94 0.91
CA VAL B 315 -15.94 -24.47 0.90
C VAL B 315 -17.17 -23.79 0.30
N GLY B 316 -17.69 -24.34 -0.81
CA GLY B 316 -18.94 -23.92 -1.51
C GLY B 316 -20.16 -23.97 -0.60
N MET B 317 -20.26 -25.00 0.25
CA MET B 317 -21.41 -25.13 1.20
C MET B 317 -21.29 -24.05 2.27
N VAL B 318 -20.06 -23.76 2.72
CA VAL B 318 -19.78 -22.67 3.71
C VAL B 318 -20.27 -21.32 3.16
N LEU B 319 -19.96 -21.02 1.90
CA LEU B 319 -20.37 -19.77 1.20
C LEU B 319 -21.90 -19.72 1.10
N ASN B 320 -22.53 -20.81 0.66
CA ASN B 320 -24.01 -20.89 0.63
C ASN B 320 -24.63 -20.63 2.02
N GLU B 321 -24.08 -21.19 3.10
CA GLU B 321 -24.67 -21.05 4.45
C GLU B 321 -24.48 -19.59 4.91
N ALA B 322 -23.36 -18.95 4.57
CA ALA B 322 -23.13 -17.51 4.87
C ALA B 322 -24.16 -16.66 4.11
N LEU B 323 -24.36 -16.95 2.83
CA LEU B 323 -25.41 -16.33 1.97
C LEU B 323 -26.83 -16.58 2.58
N ARG B 324 -27.05 -17.73 3.22
CA ARG B 324 -28.33 -18.02 3.89
C ARG B 324 -28.46 -17.07 5.09
N LEU B 325 -27.46 -16.96 5.96
CA LEU B 325 -27.64 -16.12 7.18
C LEU B 325 -27.47 -14.63 6.88
N TRP B 326 -26.51 -14.22 6.03
CA TRP B 326 -26.37 -12.79 5.66
C TRP B 326 -26.17 -12.59 4.16
N PRO B 327 -27.26 -12.70 3.36
CA PRO B 327 -27.21 -12.39 1.93
C PRO B 327 -26.88 -10.90 1.73
N THR B 328 -25.79 -10.60 1.05
CA THR B 328 -25.20 -9.24 1.16
C THR B 328 -25.94 -8.28 0.25
N ALA B 329 -26.68 -8.80 -0.72
CA ALA B 329 -27.73 -8.05 -1.45
C ALA B 329 -29.08 -8.46 -0.88
N PRO B 330 -29.52 -7.87 0.26
CA PRO B 330 -30.53 -8.51 1.13
C PRO B 330 -32.01 -8.34 0.70
N ALA B 331 -32.34 -7.52 -0.31
CA ALA B 331 -33.74 -7.38 -0.79
C ALA B 331 -33.79 -7.25 -2.31
N PHE B 332 -34.86 -7.72 -2.94
CA PHE B 332 -35.24 -7.28 -4.31
C PHE B 332 -36.73 -7.02 -4.36
N SER B 333 -37.13 -6.35 -5.43
CA SER B 333 -38.48 -5.78 -5.58
C SER B 333 -39.09 -6.32 -6.86
N LEU B 334 -40.42 -6.52 -6.84
CA LEU B 334 -41.23 -7.10 -7.93
C LEU B 334 -42.49 -6.26 -8.09
N TYR B 335 -43.09 -6.27 -9.28
CA TYR B 335 -44.44 -5.69 -9.54
C TYR B 335 -45.32 -6.79 -10.13
N ALA B 336 -46.61 -6.79 -9.74
CA ALA B 336 -47.65 -7.67 -10.30
C ALA B 336 -47.87 -7.31 -11.77
N LYS B 337 -47.61 -8.25 -12.68
CA LYS B 337 -47.85 -8.00 -14.13
C LYS B 337 -49.37 -7.92 -14.40
N GLU B 338 -50.17 -8.64 -13.61
CA GLU B 338 -51.65 -8.56 -13.67
C GLU B 338 -52.26 -8.70 -12.28
N ASP B 339 -53.57 -8.44 -12.16
CA ASP B 339 -54.35 -8.73 -10.94
C ASP B 339 -54.14 -10.20 -10.62
N THR B 340 -53.88 -10.52 -9.35
CA THR B 340 -53.49 -11.88 -8.92
C THR B 340 -53.68 -11.93 -7.40
N VAL B 341 -53.84 -13.14 -6.84
CA VAL B 341 -53.99 -13.36 -5.38
C VAL B 341 -52.73 -14.07 -4.89
N LEU B 342 -52.21 -13.63 -3.74
CA LEU B 342 -50.95 -14.18 -3.16
C LEU B 342 -51.33 -15.11 -2.00
N GLY B 343 -50.94 -16.39 -2.10
CA GLY B 343 -51.09 -17.40 -1.03
C GLY B 343 -52.54 -17.60 -0.63
N GLY B 344 -53.48 -17.34 -1.55
CA GLY B 344 -54.92 -17.51 -1.35
C GLY B 344 -55.59 -16.40 -0.53
N GLU B 345 -54.82 -15.47 0.07
CA GLU B 345 -55.33 -14.54 1.14
C GLU B 345 -55.22 -13.07 0.73
N TYR B 346 -54.15 -12.67 0.03
CA TYR B 346 -53.79 -11.26 -0.22
C TYR B 346 -54.01 -10.94 -1.70
N PRO B 347 -55.07 -10.16 -2.04
CA PRO B 347 -55.29 -9.73 -3.41
C PRO B 347 -54.35 -8.57 -3.76
N LEU B 348 -53.79 -8.62 -4.97
CA LEU B 348 -52.96 -7.54 -5.54
C LEU B 348 -53.52 -7.17 -6.90
N GLU B 349 -53.50 -5.89 -7.24
CA GLU B 349 -53.86 -5.38 -8.58
C GLU B 349 -52.60 -5.21 -9.45
N LYS B 350 -52.78 -5.23 -10.78
CA LYS B 350 -51.72 -4.96 -11.79
C LYS B 350 -50.88 -3.78 -11.32
N GLY B 351 -49.56 -3.94 -11.23
CA GLY B 351 -48.63 -2.84 -10.94
C GLY B 351 -48.31 -2.75 -9.46
N ASP B 352 -49.05 -3.43 -8.59
CA ASP B 352 -48.76 -3.47 -7.14
C ASP B 352 -47.36 -4.02 -6.86
N GLU B 353 -46.74 -3.46 -5.83
CA GLU B 353 -45.30 -3.67 -5.53
C GLU B 353 -45.10 -4.65 -4.37
N LEU B 354 -44.03 -5.49 -4.46
CA LEU B 354 -43.57 -6.45 -3.42
C LEU B 354 -42.08 -6.22 -3.19
N MET B 355 -41.64 -6.38 -1.94
CA MET B 355 -40.22 -6.48 -1.55
C MET B 355 -39.98 -7.86 -0.96
N VAL B 356 -38.98 -8.56 -1.46
CA VAL B 356 -38.53 -9.87 -0.91
C VAL B 356 -37.42 -9.60 0.10
N LEU B 357 -37.68 -9.88 1.38
CA LEU B 357 -36.70 -9.68 2.48
C LEU B 357 -35.92 -10.98 2.67
N ILE B 358 -34.81 -11.10 1.94
CA ILE B 358 -34.07 -12.39 1.77
C ILE B 358 -33.61 -12.89 3.12
N PRO B 359 -32.99 -12.09 4.01
CA PRO B 359 -32.61 -12.62 5.33
C PRO B 359 -33.78 -13.32 6.06
N GLN B 360 -34.99 -12.78 6.04
CA GLN B 360 -36.16 -13.42 6.72
C GLN B 360 -36.55 -14.71 6.00
N LEU B 361 -36.56 -14.71 4.67
CA LEU B 361 -36.82 -15.94 3.88
C LEU B 361 -35.91 -17.04 4.42
N HIS B 362 -34.64 -16.71 4.59
CA HIS B 362 -33.54 -17.65 4.97
C HIS B 362 -33.59 -18.12 6.44
N ARG B 363 -34.45 -17.52 7.28
CA ARG B 363 -34.71 -17.99 8.67
C ARG B 363 -36.12 -18.62 8.77
N ASP B 364 -36.79 -18.92 7.66
CA ASP B 364 -38.15 -19.54 7.64
C ASP B 364 -38.07 -20.93 8.29
N LYS B 365 -38.45 -21.04 9.57
CA LYS B 365 -38.30 -22.25 10.41
C LYS B 365 -39.03 -23.45 9.77
N THR B 366 -40.04 -23.20 8.94
CA THR B 366 -40.83 -24.31 8.33
C THR B 366 -40.08 -24.90 7.16
N ILE B 367 -39.02 -24.24 6.70
CA ILE B 367 -38.12 -24.74 5.63
C ILE B 367 -36.86 -25.32 6.26
N TRP B 368 -36.25 -24.61 7.21
CA TRP B 368 -34.86 -24.89 7.66
C TRP B 368 -34.85 -25.59 9.05
N GLY B 369 -35.98 -25.69 9.75
CA GLY B 369 -36.09 -26.32 11.09
C GLY B 369 -35.91 -25.28 12.19
N ASP B 370 -35.89 -25.69 13.46
CA ASP B 370 -35.84 -24.77 14.62
C ASP B 370 -34.41 -24.28 14.90
N ASP B 371 -33.37 -24.86 14.26
CA ASP B 371 -31.93 -24.49 14.48
C ASP B 371 -31.46 -23.50 13.39
N VAL B 372 -32.36 -22.63 12.92
CA VAL B 372 -32.20 -21.71 11.75
C VAL B 372 -31.02 -20.75 11.98
N GLU B 373 -30.82 -20.30 13.23
CA GLU B 373 -29.79 -19.26 13.47
C GLU B 373 -28.40 -19.91 13.56
N GLU B 374 -28.27 -21.24 13.47
CA GLU B 374 -26.96 -21.95 13.60
C GLU B 374 -26.28 -22.00 12.22
N PHE B 375 -24.94 -22.02 12.22
CA PHE B 375 -24.10 -22.07 10.99
C PHE B 375 -23.79 -23.54 10.73
N ARG B 376 -24.50 -24.15 9.78
CA ARG B 376 -24.36 -25.58 9.42
C ARG B 376 -24.35 -25.73 7.91
N PRO B 377 -23.15 -25.70 7.28
CA PRO B 377 -23.04 -25.86 5.84
C PRO B 377 -23.64 -27.16 5.28
N GLU B 378 -23.81 -28.18 6.14
CA GLU B 378 -24.27 -29.53 5.70
C GLU B 378 -25.69 -29.42 5.11
N ARG B 379 -26.42 -28.34 5.39
CA ARG B 379 -27.80 -28.12 4.87
C ARG B 379 -27.79 -28.13 3.36
N PHE B 380 -26.66 -27.82 2.70
CA PHE B 380 -26.53 -27.61 1.24
C PHE B 380 -25.92 -28.84 0.56
N GLU B 381 -25.90 -29.98 1.24
CA GLU B 381 -25.33 -31.26 0.71
C GLU B 381 -26.14 -31.72 -0.50
N ASN B 382 -27.45 -31.52 -0.51
CA ASN B 382 -28.34 -32.02 -1.58
C ASN B 382 -29.35 -30.93 -1.93
N PRO B 383 -29.13 -30.19 -3.05
CA PRO B 383 -30.06 -29.16 -3.49
C PRO B 383 -31.49 -29.67 -3.72
N SER B 384 -31.69 -30.95 -4.07
CA SER B 384 -33.05 -31.55 -4.28
C SER B 384 -33.81 -31.67 -2.94
N ALA B 385 -33.12 -31.63 -1.80
CA ALA B 385 -33.74 -31.68 -0.47
C ALA B 385 -34.14 -30.26 -0.03
N ILE B 386 -33.92 -29.24 -0.86
CA ILE B 386 -34.30 -27.85 -0.45
C ILE B 386 -35.54 -27.44 -1.23
N PRO B 387 -36.62 -27.04 -0.53
CA PRO B 387 -37.86 -26.70 -1.23
C PRO B 387 -37.57 -25.56 -2.21
N GLN B 388 -38.46 -25.43 -3.20
CA GLN B 388 -38.35 -24.46 -4.31
C GLN B 388 -38.40 -23.04 -3.72
N HIS B 389 -37.46 -22.18 -4.12
CA HIS B 389 -37.41 -20.72 -3.84
C HIS B 389 -37.18 -20.47 -2.35
N ALA B 390 -36.58 -21.42 -1.64
CA ALA B 390 -36.27 -21.27 -0.21
C ALA B 390 -34.96 -20.48 -0.06
N PHE B 391 -34.11 -20.48 -1.09
CA PHE B 391 -32.74 -19.91 -1.04
C PHE B 391 -32.53 -18.98 -2.24
N LYS B 392 -32.58 -17.65 -2.05
CA LYS B 392 -32.60 -16.66 -3.17
C LYS B 392 -31.51 -15.58 -3.05
N PRO B 393 -30.26 -15.92 -2.68
CA PRO B 393 -29.25 -14.89 -2.45
C PRO B 393 -28.83 -14.12 -3.70
N PHE B 394 -29.11 -14.69 -4.89
CA PHE B 394 -28.79 -14.13 -6.24
C PHE B 394 -30.06 -13.80 -7.01
N GLY B 395 -31.17 -13.60 -6.29
CA GLY B 395 -32.39 -13.09 -6.92
C GLY B 395 -33.12 -14.22 -7.61
N ASN B 396 -33.90 -13.86 -8.63
CA ASN B 396 -34.89 -14.77 -9.22
C ASN B 396 -34.88 -14.71 -10.74
N GLY B 397 -34.86 -15.89 -11.36
CA GLY B 397 -35.26 -16.06 -12.77
C GLY B 397 -34.34 -15.30 -13.72
N GLN B 398 -34.91 -14.74 -14.79
CA GLN B 398 -34.16 -14.02 -15.87
C GLN B 398 -33.47 -12.78 -15.31
N ARG B 399 -33.97 -12.19 -14.23
CA ARG B 399 -33.33 -11.02 -13.58
C ARG B 399 -32.47 -11.43 -12.40
N ALA B 400 -31.99 -12.70 -12.34
CA ALA B 400 -31.10 -13.16 -11.25
C ALA B 400 -29.71 -12.59 -11.55
N CYS B 401 -28.81 -12.61 -10.58
CA CYS B 401 -27.42 -12.07 -10.64
C CYS B 401 -26.72 -12.73 -11.82
N ILE B 402 -26.28 -11.93 -12.78
CA ILE B 402 -25.44 -12.41 -13.93
C ILE B 402 -24.01 -12.72 -13.46
N GLY B 403 -23.56 -12.11 -12.37
CA GLY B 403 -22.23 -12.32 -11.76
C GLY B 403 -22.16 -13.51 -10.80
N GLN B 404 -23.19 -14.35 -10.69
CA GLN B 404 -23.25 -15.41 -9.65
C GLN B 404 -22.02 -16.33 -9.76
N GLN B 405 -21.71 -16.77 -10.98
N GLN B 405 -21.70 -16.77 -10.99
CA GLN B 405 -20.61 -17.74 -11.24
CA GLN B 405 -20.62 -17.75 -11.23
C GLN B 405 -19.28 -17.05 -10.95
C GLN B 405 -19.28 -17.06 -10.95
N PHE B 406 -19.15 -15.77 -11.29
CA PHE B 406 -17.94 -14.95 -11.02
C PHE B 406 -17.71 -14.80 -9.49
N ALA B 407 -18.74 -14.38 -8.74
CA ALA B 407 -18.70 -14.20 -7.26
C ALA B 407 -18.24 -15.51 -6.62
N LEU B 408 -18.91 -16.60 -6.90
CA LEU B 408 -18.71 -17.87 -6.15
C LEU B 408 -17.36 -18.48 -6.51
N HIS B 409 -16.86 -18.23 -7.73
CA HIS B 409 -15.51 -18.70 -8.15
C HIS B 409 -14.42 -17.92 -7.40
N GLU B 410 -14.47 -16.59 -7.43
CA GLU B 410 -13.51 -15.74 -6.72
C GLU B 410 -13.53 -16.14 -5.25
N ALA B 411 -14.72 -16.35 -4.66
CA ALA B 411 -14.87 -16.51 -3.20
C ALA B 411 -14.36 -17.90 -2.81
N THR B 412 -14.70 -18.92 -3.60
CA THR B 412 -14.21 -20.30 -3.34
C THR B 412 -12.67 -20.31 -3.34
N LEU B 413 -12.07 -19.81 -4.41
CA LEU B 413 -10.60 -19.73 -4.63
C LEU B 413 -9.92 -19.04 -3.44
N VAL B 414 -10.40 -17.85 -3.05
CA VAL B 414 -9.74 -17.03 -2.02
C VAL B 414 -9.90 -17.67 -0.64
N LEU B 415 -11.11 -18.12 -0.28
CA LEU B 415 -11.40 -18.76 1.02
C LEU B 415 -10.58 -20.06 1.13
N GLY B 416 -10.60 -20.86 0.07
CA GLY B 416 -9.69 -22.00 -0.14
C GLY B 416 -8.23 -21.68 0.22
N MET B 417 -7.63 -20.69 -0.43
CA MET B 417 -6.22 -20.27 -0.19
C MET B 417 -6.06 -19.75 1.26
N MET B 418 -6.96 -18.92 1.78
CA MET B 418 -6.93 -18.44 3.18
C MET B 418 -6.89 -19.64 4.15
N LEU B 419 -7.74 -20.65 3.97
CA LEU B 419 -7.86 -21.80 4.93
C LEU B 419 -6.65 -22.76 4.80
N LYS B 420 -6.06 -22.82 3.62
CA LYS B 420 -4.82 -23.61 3.37
C LYS B 420 -3.63 -22.97 4.08
N HIS B 421 -3.45 -21.63 3.99
CA HIS B 421 -2.16 -20.93 4.28
C HIS B 421 -2.11 -20.41 5.72
N PHE B 422 -3.24 -20.31 6.42
CA PHE B 422 -3.31 -19.67 7.77
C PHE B 422 -4.29 -20.41 8.69
N ASP B 423 -3.99 -20.36 9.99
CA ASP B 423 -4.98 -20.58 11.09
C ASP B 423 -5.52 -19.20 11.45
N PHE B 424 -6.76 -19.09 11.91
CA PHE B 424 -7.37 -17.79 12.31
C PHE B 424 -7.72 -17.83 13.79
N GLU B 425 -7.66 -16.67 14.45
CA GLU B 425 -8.09 -16.47 15.85
C GLU B 425 -9.01 -15.26 15.88
N ASP B 426 -10.07 -15.35 16.68
CA ASP B 426 -11.06 -14.29 17.02
C ASP B 426 -10.59 -13.60 18.30
N HIS B 427 -9.37 -13.04 18.26
CA HIS B 427 -8.63 -12.52 19.44
C HIS B 427 -9.43 -11.42 20.15
N THR B 428 -10.33 -10.71 19.48
CA THR B 428 -11.13 -9.64 20.14
C THR B 428 -12.48 -10.19 20.57
N ASN B 429 -12.76 -11.48 20.35
CA ASN B 429 -14.14 -12.01 20.54
C ASN B 429 -15.12 -11.06 19.86
N TYR B 430 -14.95 -10.84 18.55
CA TYR B 430 -15.66 -9.79 17.77
C TYR B 430 -17.18 -9.95 17.92
N GLU B 431 -17.86 -8.88 18.32
CA GLU B 431 -19.34 -8.81 18.39
C GLU B 431 -19.89 -8.29 17.06
N LEU B 432 -20.81 -9.04 16.46
CA LEU B 432 -21.20 -8.81 15.06
C LEU B 432 -21.90 -7.45 14.97
N ASP B 433 -21.37 -6.55 14.16
CA ASP B 433 -21.97 -5.22 13.95
C ASP B 433 -22.13 -5.05 12.43
N ILE B 434 -23.37 -5.05 11.95
CA ILE B 434 -23.56 -5.12 10.48
C ILE B 434 -23.83 -3.72 9.97
N LYS B 435 -22.91 -3.24 9.13
CA LYS B 435 -23.01 -1.91 8.48
C LYS B 435 -23.84 -2.07 7.21
N GLU B 436 -24.74 -1.12 6.94
CA GLU B 436 -25.60 -1.18 5.74
C GLU B 436 -25.25 -0.02 4.81
N THR B 437 -25.05 -0.34 3.52
CA THR B 437 -24.84 0.63 2.41
C THR B 437 -25.57 0.11 1.17
N LEU B 438 -26.85 -0.22 1.30
CA LEU B 438 -27.58 -0.98 0.26
C LEU B 438 -26.86 -2.32 0.02
N THR B 439 -25.72 -2.62 0.67
CA THR B 439 -25.27 -4.01 0.98
C THR B 439 -24.87 -4.14 2.46
N LEU B 440 -24.56 -5.37 2.88
CA LEU B 440 -24.27 -5.73 4.29
C LEU B 440 -22.82 -6.17 4.39
N LYS B 441 -22.14 -5.73 5.47
CA LYS B 441 -20.73 -6.06 5.83
C LYS B 441 -20.61 -6.06 7.36
N PRO B 442 -19.83 -6.98 7.96
CA PRO B 442 -19.50 -6.89 9.38
C PRO B 442 -18.44 -5.82 9.71
N GLU B 443 -18.89 -4.63 10.11
CA GLU B 443 -18.00 -3.48 10.39
C GLU B 443 -17.10 -3.82 11.58
N GLY B 444 -15.79 -3.49 11.50
CA GLY B 444 -14.85 -3.64 12.62
C GLY B 444 -14.45 -5.10 12.81
N PHE B 445 -14.74 -5.96 11.84
CA PHE B 445 -14.41 -7.40 12.02
C PHE B 445 -12.90 -7.53 11.81
N VAL B 446 -12.22 -8.04 12.84
CA VAL B 446 -10.73 -8.21 12.90
C VAL B 446 -10.41 -9.63 13.38
N VAL B 447 -9.32 -10.18 12.87
CA VAL B 447 -8.76 -11.52 13.22
C VAL B 447 -7.22 -11.44 13.17
N LYS B 448 -6.58 -12.40 13.82
CA LYS B 448 -5.13 -12.67 13.68
C LYS B 448 -5.01 -13.95 12.84
N ALA B 449 -4.02 -13.99 11.96
CA ALA B 449 -3.76 -15.13 11.07
C ALA B 449 -2.35 -15.65 11.34
N LYS B 450 -2.21 -16.90 11.78
CA LYS B 450 -0.89 -17.57 12.00
C LYS B 450 -0.55 -18.36 10.74
N SER B 451 0.56 -18.02 10.10
CA SER B 451 1.06 -18.68 8.85
C SER B 451 1.27 -20.17 9.14
N LYS B 452 0.99 -21.01 8.15
CA LYS B 452 1.37 -22.44 8.15
C LYS B 452 2.70 -22.60 7.42
N LYS B 453 3.27 -21.48 6.97
CA LYS B 453 4.56 -21.39 6.22
C LYS B 453 4.52 -22.35 5.03
N ILE B 454 3.39 -22.42 4.34
CA ILE B 454 3.30 -23.22 3.08
C ILE B 454 3.70 -22.28 1.94
N PRO B 455 4.73 -22.65 1.14
CA PRO B 455 5.21 -21.79 0.07
C PRO B 455 4.12 -21.54 -0.99
N LEU B 456 4.11 -20.34 -1.56
CA LEU B 456 3.39 -20.02 -2.82
C LEU B 456 4.32 -20.36 -3.98
CHA HEM C . 29.10 6.73 8.96
CHB HEM C . 28.02 7.71 4.34
CHC HEM C . 24.71 4.11 4.31
CHD HEM C . 25.58 3.42 9.06
C1A HEM C . 29.08 7.28 7.69
C2A HEM C . 29.93 8.36 7.26
C3A HEM C . 29.63 8.61 5.94
C4A HEM C . 28.60 7.76 5.60
CMA HEM C . 30.20 9.70 5.05
CAA HEM C . 30.96 9.09 8.08
CBA HEM C . 30.25 10.19 8.92
CGA HEM C . 31.12 11.11 9.73
O1A HEM C . 30.52 11.94 10.55
O2A HEM C . 32.41 11.14 9.61
C1B HEM C . 27.03 6.82 3.93
C2B HEM C . 26.47 6.78 2.59
C3B HEM C . 25.54 5.76 2.60
C4B HEM C . 25.53 5.19 3.92
CMB HEM C . 26.85 7.69 1.44
CAB HEM C . 24.67 5.15 1.54
CBB HEM C . 24.89 5.27 0.24
C1C HEM C . 24.66 3.57 5.60
C2C HEM C . 23.96 2.42 5.98
C3C HEM C . 24.16 2.27 7.31
C4C HEM C . 25.08 3.27 7.75
CMC HEM C . 23.08 1.60 5.05
CAC HEM C . 23.73 1.22 8.23
CBC HEM C . 23.22 0.08 7.90
C1D HEM C . 26.62 4.32 9.40
C2D HEM C . 27.14 4.38 10.75
C3D HEM C . 28.14 5.26 10.72
C4D HEM C . 28.19 5.74 9.34
CMD HEM C . 26.67 3.58 11.94
CAD HEM C . 29.02 5.65 11.92
CBD HEM C . 30.12 4.57 11.98
CGD HEM C . 31.17 4.84 13.04
O1D HEM C . 31.67 6.03 13.10
O2D HEM C . 31.50 3.87 13.84
NA HEM C . 28.29 6.89 6.63
NB HEM C . 26.43 5.87 4.67
NC HEM C . 25.38 4.03 6.65
ND HEM C . 27.25 5.16 8.56
FE HEM C . 26.89 5.45 6.65
O5 ZP6 D . 28.17 22.39 12.59
C15 ZP6 D . 27.38 22.04 11.63
O4 ZP6 D . 26.35 21.36 11.78
C14 ZP6 D . 27.61 22.48 10.21
C16 ZP6 D . 26.81 23.75 9.98
C17 ZP6 D . 27.24 24.87 10.90
C22 ZP6 D . 28.53 25.43 10.82
C21 ZP6 D . 28.88 26.45 11.70
C20 ZP6 D . 27.98 26.91 12.66
C19 ZP6 D . 26.72 26.35 12.76
C18 ZP6 D . 26.37 25.33 11.86
N2 ZP6 D . 27.11 21.50 9.27
C13 ZP6 D . 27.43 21.41 7.97
O3 ZP6 D . 28.36 22.06 7.51
C12 ZP6 D . 26.60 20.52 7.02
C11 ZP6 D . 25.60 21.31 6.21
C10 ZP6 D . 24.22 21.00 6.75
C9 ZP6 D . 24.33 19.62 7.38
N1 ZP6 D . 25.75 19.46 7.61
C8 ZP6 D . 26.28 18.44 8.27
O2 ZP6 D . 27.48 18.26 8.30
O1 ZP6 D . 25.41 17.53 9.01
C7 ZP6 D . 25.94 16.42 9.73
C5 ZP6 D . 25.81 15.30 8.75
C6 ZP6 D . 26.55 15.29 7.57
C1 ZP6 D . 26.39 14.25 6.65
C4 ZP6 D . 24.88 14.30 9.01
C3 ZP6 D . 24.73 13.27 8.08
C2 ZP6 D . 25.48 13.25 6.92
N 98B E . 25.70 6.98 7.47
C 98B E . 25.55 8.26 8.16
C7 98B E . 25.69 9.39 7.16
C1 98B E . 24.29 8.26 8.97
C2 98B E . 24.25 7.34 10.04
C3 98B E . 23.15 7.25 10.87
C4 98B E . 22.09 8.16 10.73
C5 98B E . 22.12 9.11 9.70
C6 98B E . 23.21 9.16 8.84
C1 GOL F . 40.62 9.40 21.02
O1 GOL F . 40.31 10.42 21.97
C2 GOL F . 41.61 9.92 20.00
O2 GOL F . 42.95 9.78 20.46
C3 GOL F . 41.50 9.25 18.65
O3 GOL F . 42.20 10.04 17.68
CHA HEM G . -28.28 -8.92 -9.85
CHB HEM G . -26.79 -10.64 -5.58
CHC HEM G . -22.16 -10.46 -7.05
CHD HEM G . -23.60 -8.18 -11.14
C1A HEM G . -28.24 -9.44 -8.57
C2A HEM G . -29.42 -9.71 -7.78
C3A HEM G . -28.99 -10.20 -6.59
C4A HEM G . -27.57 -10.22 -6.61
CMA HEM G . -29.81 -10.57 -5.38
CAA HEM G . -30.86 -9.46 -8.21
CBA HEM G . -31.21 -7.96 -8.01
CGA HEM G . -32.67 -7.61 -8.25
O1A HEM G . -32.97 -6.37 -8.20
O2A HEM G . -33.62 -8.45 -8.44
C1B HEM G . -25.36 -10.72 -5.64
C2B HEM G . -24.56 -11.31 -4.59
C3B HEM G . -23.28 -11.26 -4.98
C4B HEM G . -23.32 -10.70 -6.32
CMB HEM G . -25.06 -11.77 -3.27
CAB HEM G . -22.05 -11.68 -4.33
CBB HEM G . -21.99 -12.51 -3.29
C1C HEM G . -22.12 -9.83 -8.29
C2C HEM G . -20.96 -9.64 -9.09
C3C HEM G . -21.37 -9.01 -10.26
C4C HEM G . -22.81 -8.78 -10.16
CMC HEM G . -19.52 -10.00 -8.76
CAC HEM G . -20.55 -8.51 -11.42
CBC HEM G . -19.25 -8.51 -11.57
C1D HEM G . -25.01 -8.20 -11.11
C2D HEM G . -25.83 -7.66 -12.19
C3D HEM G . -27.13 -7.91 -11.84
C4D HEM G . -27.11 -8.53 -10.53
CMD HEM G . -25.35 -7.00 -13.46
CAD HEM G . -28.33 -7.52 -12.69
CBD HEM G . -28.66 -8.73 -13.61
CGD HEM G . -29.80 -8.43 -14.57
O1D HEM G . -30.85 -7.93 -14.08
O2D HEM G . -29.69 -8.70 -15.81
NA HEM G . -27.11 -9.79 -7.84
NB HEM G . -24.58 -10.38 -6.64
NC HEM G . -23.23 -9.32 -8.96
ND HEM G . -25.81 -8.73 -10.08
FE HEM G . -25.22 -9.58 -8.46
O5 ZP6 H . -37.79 1.28 -2.28
C15 ZP6 H . -36.78 1.00 -1.59
O4 ZP6 H . -35.61 1.30 -1.93
C14 ZP6 H . -36.94 0.21 -0.33
C16 ZP6 H . -37.11 1.13 0.86
C17 ZP6 H . -38.32 2.06 0.81
C22 ZP6 H . -39.62 1.56 1.03
C21 ZP6 H . -40.68 2.46 1.01
C20 ZP6 H . -40.48 3.82 0.80
C19 ZP6 H . -39.20 4.31 0.58
C18 ZP6 H . -38.13 3.42 0.59
N2 ZP6 H . -35.71 -0.55 -0.13
C13 ZP6 H . -35.57 -1.58 0.69
O3 ZP6 H . -36.47 -2.07 1.29
C12 ZP6 H . -34.20 -2.17 0.95
C11 ZP6 H . -33.66 -1.69 2.29
C10 ZP6 H . -32.66 -0.57 2.01
C9 ZP6 H . -32.16 -0.85 0.60
N1 ZP6 H . -33.12 -1.78 0.03
C8 ZP6 H . -33.07 -2.21 -1.23
O2 ZP6 H . -33.96 -2.86 -1.79
O1 ZP6 H . -31.84 -1.76 -1.89
C7 ZP6 H . -31.67 -1.71 -3.29
C5 ZP6 H . -30.47 -2.55 -3.55
C6 ZP6 H . -29.27 -1.94 -4.00
C1 ZP6 H . -28.16 -2.73 -4.18
C4 ZP6 H . -30.55 -3.89 -3.24
C3 ZP6 H . -29.45 -4.69 -3.43
C2 ZP6 H . -28.25 -4.11 -3.90
N 98B I . -25.23 -7.56 -7.66
C 98B I . -26.14 -6.49 -7.21
C7 98B I . -26.53 -6.73 -5.75
C1 98B I . -25.51 -5.16 -7.45
C2 98B I . -25.16 -4.25 -6.45
C3 98B I . -24.59 -3.03 -6.80
C4 98B I . -24.36 -2.73 -8.16
C5 98B I . -24.71 -3.64 -9.17
C6 98B I . -25.31 -4.85 -8.79
#